data_2Y6S
#
_entry.id   2Y6S
#
_cell.length_a   89.554
_cell.length_b   68.376
_cell.length_c   92.827
_cell.angle_alpha   90.00
_cell.angle_beta   112.50
_cell.angle_gamma   90.00
#
_symmetry.space_group_name_H-M   'P 1 2 1'
#
loop_
_entity.id
_entity.type
_entity.pdbx_description
1 polymer 'LIGHT CHAIN'
2 polymer 'HEAVY CHAIN'
3 polymer 'ENVELOPE GLYCOPROTEIN'
4 water water
#
loop_
_entity_poly.entity_id
_entity_poly.type
_entity_poly.pdbx_seq_one_letter_code
_entity_poly.pdbx_strand_id
1 'polypeptide(L)'
;DIVLTQSPASLAVSLGQRATISCRASKSVSTSGYSYMHWNQQKPGQPPRLLIYLVSNLESGVPARFSGSGSGTDFTLNIA
PVEEEDAATYYCQHIAELTRTFGGGTKLEIKRADAAPTVSIFPPSSEQLTSGGASVVCFLNNFYPKDINVKWKIDGSERQ
NGVLNSWTDQDSKDSTYSMSSTLTLTKDEYERHNSYTCEATHKTSTSPIVKSFNRNE
;
C,L
2 'polypeptide(L)'
;QVQLQQSGPELVKPGASVKMSCKASGYTFTDYVISWVKQRTGQGLEWIGEFYPGTDSTYYTENFKGRATLTADKSSKTAY
MQLSSLTSEDSAVYFCATAFDYWGQGTTLTVSSAATTPPSVYPLAPGSAAQTNSMVTLGCLVKGYFPEPVTVTWNSGSLS
SGVHTFPAVLQSDLYTLSSSVTVPSSTWPSETVTCNVAHPASSTKVDKKIVPR
;
D,H
3 'polypeptide(L)' GKLGLITNTIAGVAGLI P,Q
#
# COMPACT_ATOMS: atom_id res chain seq x y z
N ASP A 1 -41.90 -24.95 14.47
CA ASP A 1 -42.34 -23.56 14.57
C ASP A 1 -43.38 -23.24 13.52
N ILE A 2 -44.07 -22.12 13.69
CA ILE A 2 -45.06 -21.68 12.73
C ILE A 2 -44.40 -20.86 11.61
N VAL A 3 -44.57 -21.34 10.38
CA VAL A 3 -43.90 -20.73 9.24
C VAL A 3 -44.68 -19.56 8.66
N LEU A 4 -44.02 -18.41 8.59
CA LEU A 4 -44.61 -17.22 7.98
C LEU A 4 -43.99 -17.00 6.59
N THR A 5 -44.79 -17.23 5.56
CA THR A 5 -44.31 -17.10 4.19
C THR A 5 -44.73 -15.77 3.59
N GLN A 6 -43.76 -15.03 3.07
CA GLN A 6 -43.95 -13.65 2.66
C GLN A 6 -43.62 -13.45 1.19
N SER A 7 -44.60 -13.01 0.41
CA SER A 7 -44.40 -12.79 -1.03
C SER A 7 -44.90 -11.42 -1.47
N PRO A 8 -44.30 -10.85 -2.52
CA PRO A 8 -43.17 -11.41 -3.27
C PRO A 8 -41.86 -11.27 -2.50
N ALA A 9 -40.86 -12.06 -2.87
CA ALA A 9 -39.52 -11.91 -2.30
C ALA A 9 -38.94 -10.58 -2.73
N SER A 10 -39.45 -10.06 -3.84
CA SER A 10 -39.03 -8.77 -4.36
C SER A 10 -40.16 -8.11 -5.16
N LEU A 11 -40.43 -6.84 -4.88
CA LEU A 11 -41.56 -6.14 -5.49
C LEU A 11 -41.12 -4.87 -6.21
N ALA A 12 -40.98 -4.97 -7.53
CA ALA A 12 -40.63 -3.81 -8.33
C ALA A 12 -41.82 -2.87 -8.45
N VAL A 13 -41.62 -1.60 -8.11
CA VAL A 13 -42.70 -0.61 -8.14
C VAL A 13 -42.16 0.73 -8.63
N SER A 14 -43.06 1.60 -9.04
CA SER A 14 -42.67 2.94 -9.49
C SER A 14 -43.13 3.97 -8.47
N LEU A 15 -42.28 4.95 -8.19
CA LEU A 15 -42.65 6.02 -7.26
C LEU A 15 -44.03 6.57 -7.61
N GLY A 16 -44.96 6.41 -6.68
CA GLY A 16 -46.32 6.88 -6.91
C GLY A 16 -47.31 5.74 -6.90
N GLN A 17 -46.88 4.57 -7.37
CA GLN A 17 -47.75 3.40 -7.40
C GLN A 17 -48.15 3.01 -5.99
N ARG A 18 -49.13 2.12 -5.88
CA ARG A 18 -49.47 1.55 -4.58
C ARG A 18 -48.70 0.24 -4.45
N ALA A 19 -48.56 -0.26 -3.24
CA ALA A 19 -47.80 -1.47 -3.02
C ALA A 19 -48.50 -2.41 -2.03
N THR A 20 -48.70 -3.64 -2.46
CA THR A 20 -49.28 -4.66 -1.61
C THR A 20 -48.27 -5.77 -1.36
N ILE A 21 -47.90 -5.92 -0.09
CA ILE A 21 -47.05 -7.02 0.32
C ILE A 21 -47.91 -8.04 1.06
N SER A 22 -47.55 -9.32 0.95
CA SER A 22 -48.35 -10.37 1.54
C SER A 22 -47.58 -11.22 2.57
N CYS A 23 -48.30 -11.66 3.59
CA CYS A 23 -47.74 -12.52 4.61
C CYS A 23 -48.77 -13.60 4.96
N ARG A 24 -48.37 -14.86 4.86
CA ARG A 24 -49.28 -15.95 5.16
C ARG A 24 -48.78 -16.86 6.28
N ALA A 25 -49.64 -17.11 7.27
CA ALA A 25 -49.28 -17.89 8.44
C ALA A 25 -49.44 -19.38 8.21
N SER A 26 -48.71 -20.17 9.00
CA SER A 26 -48.83 -21.63 8.96
C SER A 26 -50.08 -22.07 9.73
N LYS A 27 -50.45 -21.28 10.73
CA LYS A 27 -51.67 -21.53 11.49
C LYS A 27 -52.28 -20.20 11.91
N SER A 28 -53.56 -20.21 12.29
CA SER A 28 -54.22 -18.98 12.69
C SER A 28 -53.42 -18.27 13.77
N VAL A 29 -53.09 -17.00 13.52
CA VAL A 29 -52.25 -16.24 14.43
C VAL A 29 -53.05 -15.35 15.38
N SER A 30 -54.21 -15.83 15.82
CA SER A 30 -54.98 -15.09 16.81
C SER A 30 -54.82 -15.72 18.19
N THR A 31 -54.40 -14.92 19.16
CA THR A 31 -54.32 -15.36 20.55
C THR A 31 -55.71 -15.23 21.14
N SER A 32 -55.87 -15.57 22.41
CA SER A 32 -57.12 -15.33 23.11
C SER A 32 -57.28 -13.81 23.29
N GLY A 33 -57.77 -13.15 22.25
CA GLY A 33 -57.90 -11.71 22.24
C GLY A 33 -57.61 -11.13 20.86
N TYR A 34 -56.39 -10.63 20.68
CA TYR A 34 -56.01 -9.98 19.42
C TYR A 34 -55.29 -10.93 18.45
N SER A 35 -54.84 -10.38 17.33
CA SER A 35 -54.03 -11.12 16.37
C SER A 35 -52.67 -10.47 16.23
N TYR A 36 -51.63 -11.19 16.65
CA TYR A 36 -50.30 -10.61 16.73
C TYR A 36 -49.48 -10.77 15.45
N MET A 37 -49.99 -10.20 14.37
CA MET A 37 -49.28 -10.09 13.10
C MET A 37 -48.77 -8.67 12.97
N HIS A 38 -47.46 -8.52 12.75
CA HIS A 38 -46.84 -7.19 12.72
C HIS A 38 -46.00 -6.98 11.47
N TRP A 39 -45.96 -5.75 10.99
CA TRP A 39 -45.14 -5.39 9.84
C TRP A 39 -44.00 -4.46 10.26
N ASN A 40 -42.79 -4.81 9.83
CA ASN A 40 -41.62 -4.00 10.14
C ASN A 40 -40.99 -3.48 8.86
N GLN A 41 -40.25 -2.38 8.97
CA GLN A 41 -39.65 -1.74 7.81
C GLN A 41 -38.16 -1.54 8.08
N GLN A 42 -37.31 -2.18 7.27
CA GLN A 42 -35.88 -2.07 7.50
C GLN A 42 -35.11 -1.59 6.28
N LYS A 43 -34.25 -0.61 6.50
CA LYS A 43 -33.46 -0.04 5.43
C LYS A 43 -32.00 -0.49 5.56
N PRO A 44 -31.22 -0.34 4.48
CA PRO A 44 -29.83 -0.81 4.49
C PRO A 44 -29.02 -0.20 5.62
N GLY A 45 -28.41 -1.06 6.44
CA GLY A 45 -27.52 -0.61 7.50
C GLY A 45 -28.21 -0.23 8.78
N GLN A 46 -29.52 -0.05 8.72
CA GLN A 46 -30.29 0.34 9.90
C GLN A 46 -31.01 -0.87 10.49
N PRO A 47 -31.50 -0.72 11.74
CA PRO A 47 -32.36 -1.74 12.35
C PRO A 47 -33.77 -1.64 11.78
N PRO A 48 -34.59 -2.68 11.97
CA PRO A 48 -35.98 -2.57 11.52
C PRO A 48 -36.75 -1.58 12.38
N ARG A 49 -37.81 -0.99 11.81
CA ARG A 49 -38.68 -0.12 12.58
C ARG A 49 -40.12 -0.61 12.45
N LEU A 50 -40.88 -0.50 13.54
CA LEU A 50 -42.27 -0.95 13.54
C LEU A 50 -43.15 0.01 12.76
N LEU A 51 -44.01 -0.54 11.91
CA LEU A 51 -44.98 0.25 11.16
C LEU A 51 -46.39 -0.11 11.61
N ILE A 52 -46.67 -1.41 11.67
CA ILE A 52 -47.99 -1.91 11.99
C ILE A 52 -47.91 -3.03 13.01
N TYR A 53 -48.73 -2.95 14.05
CA TYR A 53 -48.84 -4.02 15.03
C TYR A 53 -50.27 -4.50 15.14
N LEU A 54 -50.45 -5.73 15.61
CA LEU A 54 -51.78 -6.30 15.77
C LEU A 54 -52.59 -6.13 14.49
N VAL A 55 -51.93 -6.42 13.37
CA VAL A 55 -52.56 -6.49 12.06
C VAL A 55 -52.81 -5.15 11.36
N SER A 56 -53.39 -4.19 12.08
CA SER A 56 -53.86 -2.98 11.43
C SER A 56 -53.44 -1.69 12.12
N ASN A 57 -52.81 -1.81 13.28
CA ASN A 57 -52.51 -0.63 14.09
C ASN A 57 -51.24 0.10 13.69
N LEU A 58 -51.41 1.36 13.30
CA LEU A 58 -50.29 2.23 12.94
C LEU A 58 -49.46 2.56 14.18
N GLU A 59 -48.19 2.16 14.17
CA GLU A 59 -47.25 2.57 15.23
C GLU A 59 -47.14 4.10 15.24
N SER A 60 -46.81 4.66 16.39
CA SER A 60 -46.67 6.11 16.50
C SER A 60 -45.61 6.62 15.52
N GLY A 61 -45.98 7.63 14.73
CA GLY A 61 -45.03 8.25 13.82
C GLY A 61 -45.20 7.90 12.36
N VAL A 62 -45.67 6.69 12.08
CA VAL A 62 -45.85 6.25 10.70
C VAL A 62 -47.12 6.84 10.08
N PRO A 63 -47.01 7.29 8.83
CA PRO A 63 -48.05 8.03 8.10
C PRO A 63 -49.23 7.17 7.68
N ALA A 64 -50.36 7.82 7.41
CA ALA A 64 -51.59 7.12 7.00
C ALA A 64 -51.36 6.37 5.69
N ARG A 65 -50.25 6.67 5.04
CA ARG A 65 -49.85 6.03 3.80
C ARG A 65 -49.84 4.51 3.96
N PHE A 66 -49.42 4.05 5.13
CA PHE A 66 -49.33 2.62 5.39
C PHE A 66 -50.63 2.07 5.99
N SER A 67 -51.01 0.88 5.55
CA SER A 67 -52.25 0.26 5.97
C SER A 67 -52.05 -1.24 6.15
N GLY A 68 -52.73 -1.81 7.14
CA GLY A 68 -52.64 -3.24 7.39
C GLY A 68 -54.00 -3.90 7.39
N SER A 69 -54.08 -5.10 6.80
CA SER A 69 -55.35 -5.82 6.73
C SER A 69 -55.10 -7.32 6.83
N GLY A 70 -56.18 -8.10 6.81
CA GLY A 70 -56.07 -9.54 6.85
C GLY A 70 -56.65 -10.13 8.12
N SER A 71 -56.70 -11.45 8.15
CA SER A 71 -57.28 -12.16 9.28
C SER A 71 -56.89 -13.63 9.22
N GLY A 72 -56.78 -14.24 10.41
CA GLY A 72 -56.48 -15.66 10.50
C GLY A 72 -55.07 -16.00 10.07
N THR A 73 -54.89 -16.25 8.79
CA THR A 73 -53.61 -16.70 8.28
C THR A 73 -53.17 -15.90 7.06
N ASP A 74 -54.00 -14.94 6.64
CA ASP A 74 -53.73 -14.16 5.45
C ASP A 74 -53.72 -12.66 5.77
N PHE A 75 -52.56 -12.04 5.59
CA PHE A 75 -52.41 -10.63 5.93
C PHE A 75 -51.74 -9.85 4.79
N THR A 76 -52.02 -8.55 4.74
CA THR A 76 -51.56 -7.72 3.64
C THR A 76 -51.12 -6.35 4.13
N LEU A 77 -49.90 -5.97 3.76
CA LEU A 77 -49.42 -4.62 4.01
C LEU A 77 -49.69 -3.79 2.77
N ASN A 78 -50.23 -2.59 2.98
CA ASN A 78 -50.67 -1.74 1.88
C ASN A 78 -50.05 -0.35 1.94
N ILE A 79 -49.19 -0.05 0.97
CA ILE A 79 -48.56 1.26 0.91
C ILE A 79 -49.11 2.08 -0.25
N ALA A 80 -49.89 3.12 0.08
CA ALA A 80 -50.52 3.94 -0.94
C ALA A 80 -50.36 5.42 -0.65
N PRO A 81 -49.53 6.12 -1.44
CA PRO A 81 -48.68 5.60 -2.50
C PRO A 81 -47.22 5.54 -2.04
N VAL A 82 -46.35 4.97 -2.87
CA VAL A 82 -44.96 4.72 -2.48
C VAL A 82 -44.05 5.94 -2.62
N GLU A 83 -43.21 6.18 -1.60
CA GLU A 83 -42.26 7.28 -1.61
C GLU A 83 -40.82 6.79 -1.56
N GLU A 84 -39.89 7.72 -1.73
CA GLU A 84 -38.45 7.42 -1.67
C GLU A 84 -38.08 6.71 -0.37
N GLU A 85 -38.52 7.27 0.75
CA GLU A 85 -38.15 6.76 2.06
C GLU A 85 -38.84 5.43 2.37
N ASP A 86 -39.70 4.99 1.46
CA ASP A 86 -40.40 3.72 1.62
C ASP A 86 -39.59 2.59 1.00
N ALA A 87 -38.73 2.93 0.05
CA ALA A 87 -37.92 1.94 -0.66
C ALA A 87 -36.97 1.23 0.29
N ALA A 88 -37.19 -0.07 0.49
CA ALA A 88 -36.36 -0.89 1.37
C ALA A 88 -36.89 -2.33 1.49
N THR A 89 -36.61 -2.98 2.60
CA THR A 89 -37.06 -4.36 2.80
C THR A 89 -38.05 -4.51 3.96
N TYR A 90 -39.21 -5.11 3.66
CA TYR A 90 -40.29 -5.23 4.61
C TYR A 90 -40.41 -6.64 5.19
N TYR A 91 -40.59 -6.71 6.51
CA TYR A 91 -40.78 -7.98 7.20
C TYR A 91 -42.12 -8.05 7.90
N CYS A 92 -42.72 -9.23 7.89
CA CYS A 92 -43.85 -9.50 8.77
C CYS A 92 -43.37 -10.39 9.89
N GLN A 93 -44.22 -10.59 10.90
CA GLN A 93 -43.81 -11.31 12.09
C GLN A 93 -45.00 -11.66 12.94
N HIS A 94 -44.99 -12.84 13.53
CA HIS A 94 -46.09 -13.30 14.36
C HIS A 94 -45.66 -13.36 15.82
N ILE A 95 -46.60 -13.11 16.72
CA ILE A 95 -46.35 -13.16 18.15
C ILE A 95 -47.47 -13.89 18.89
N ALA A 96 -48.47 -14.35 18.14
CA ALA A 96 -49.56 -15.12 18.75
C ALA A 96 -48.98 -16.43 19.29
N GLU A 97 -48.49 -17.26 18.39
CA GLU A 97 -47.83 -18.50 18.79
C GLU A 97 -46.42 -18.26 19.27
N LEU A 98 -45.76 -19.32 19.70
CA LEU A 98 -44.40 -19.23 20.21
C LEU A 98 -43.74 -20.60 20.04
N THR A 99 -42.50 -20.65 19.61
CA THR A 99 -41.65 -19.47 19.39
C THR A 99 -42.17 -18.44 18.39
N ARG A 100 -41.69 -17.21 18.53
CA ARG A 100 -42.06 -16.11 17.65
C ARG A 100 -41.17 -16.06 16.42
N THR A 101 -41.77 -15.95 15.24
CA THR A 101 -41.03 -16.07 14.00
C THR A 101 -41.27 -14.92 13.01
N PHE A 102 -40.36 -14.75 12.06
CA PHE A 102 -40.44 -13.68 11.07
C PHE A 102 -40.60 -14.25 9.66
N GLY A 103 -41.09 -13.40 8.75
CA GLY A 103 -41.18 -13.77 7.35
C GLY A 103 -39.84 -13.54 6.65
N GLY A 104 -39.68 -14.15 5.49
CA GLY A 104 -38.44 -14.05 4.75
C GLY A 104 -38.09 -12.64 4.32
N GLY A 105 -39.10 -11.77 4.31
CA GLY A 105 -38.90 -10.39 3.93
C GLY A 105 -39.26 -10.12 2.48
N THR A 106 -39.55 -8.86 2.18
CA THR A 106 -39.86 -8.44 0.83
C THR A 106 -39.01 -7.22 0.47
N LYS A 107 -38.39 -7.25 -0.70
CA LYS A 107 -37.56 -6.13 -1.14
C LYS A 107 -38.38 -5.20 -2.03
N LEU A 108 -38.65 -4.01 -1.53
CA LEU A 108 -39.37 -3.00 -2.30
C LEU A 108 -38.39 -2.18 -3.13
N GLU A 109 -38.50 -2.29 -4.45
CA GLU A 109 -37.53 -1.68 -5.35
C GLU A 109 -38.17 -0.88 -6.48
N ILE A 110 -37.39 0.01 -7.08
CA ILE A 110 -37.88 0.87 -8.16
C ILE A 110 -37.97 0.15 -9.49
N LYS A 111 -39.05 0.40 -10.23
CA LYS A 111 -39.24 -0.17 -11.55
C LYS A 111 -38.61 0.75 -12.59
N ARG A 112 -37.97 0.16 -13.59
CA ARG A 112 -37.36 0.93 -14.67
C ARG A 112 -37.23 0.08 -15.93
N ALA A 113 -36.96 0.72 -17.05
CA ALA A 113 -36.75 0.00 -18.30
C ALA A 113 -35.60 -0.99 -18.14
N ASP A 114 -35.67 -2.10 -18.87
CA ASP A 114 -34.62 -3.11 -18.82
C ASP A 114 -33.31 -2.54 -19.33
N ALA A 115 -32.20 -3.05 -18.81
CA ALA A 115 -30.88 -2.54 -19.17
C ALA A 115 -29.89 -3.68 -19.41
N ALA A 116 -28.96 -3.47 -20.34
CA ALA A 116 -27.95 -4.46 -20.66
C ALA A 116 -26.69 -4.26 -19.83
N PRO A 117 -26.18 -5.35 -19.24
CA PRO A 117 -24.97 -5.30 -18.41
C PRO A 117 -23.74 -4.90 -19.22
N THR A 118 -22.87 -4.09 -18.61
CA THR A 118 -21.61 -3.73 -19.24
C THR A 118 -20.49 -4.60 -18.66
N VAL A 119 -20.16 -5.68 -19.37
CA VAL A 119 -19.18 -6.64 -18.90
C VAL A 119 -17.76 -6.17 -19.15
N SER A 120 -16.91 -6.27 -18.13
CA SER A 120 -15.52 -5.87 -18.24
C SER A 120 -14.61 -6.83 -17.48
N ILE A 121 -13.62 -7.38 -18.18
CA ILE A 121 -12.72 -8.36 -17.60
C ILE A 121 -11.32 -7.78 -17.40
N PHE A 122 -10.62 -8.28 -16.40
CA PHE A 122 -9.29 -7.78 -16.09
C PHE A 122 -8.35 -8.90 -15.64
N PRO A 123 -7.20 -9.00 -16.32
CA PRO A 123 -6.17 -10.00 -15.99
C PRO A 123 -5.52 -9.69 -14.67
N PRO A 124 -4.96 -10.71 -13.99
CA PRO A 124 -4.25 -10.50 -12.73
C PRO A 124 -3.30 -9.31 -12.88
N SER A 125 -3.37 -8.38 -11.94
CA SER A 125 -2.49 -7.21 -11.99
C SER A 125 -1.03 -7.63 -11.94
N SER A 126 -0.19 -6.86 -12.61
CA SER A 126 1.25 -7.13 -12.61
C SER A 126 1.74 -7.28 -11.17
N GLU A 127 1.29 -6.37 -10.32
CA GLU A 127 1.73 -6.33 -8.93
C GLU A 127 1.38 -7.58 -8.14
N GLN A 128 0.26 -8.20 -8.50
CA GLN A 128 -0.23 -9.38 -7.77
C GLN A 128 0.50 -10.64 -8.21
N LEU A 129 0.85 -10.71 -9.49
CA LEU A 129 1.58 -11.84 -10.04
C LEU A 129 2.92 -12.01 -9.35
N THR A 130 3.65 -10.90 -9.21
CA THR A 130 4.94 -10.91 -8.55
C THR A 130 4.81 -11.13 -7.04
N SER A 131 3.57 -11.16 -6.57
CA SER A 131 3.28 -11.39 -5.15
C SER A 131 3.14 -12.88 -4.87
N GLY A 132 2.45 -13.59 -5.75
CA GLY A 132 2.24 -15.02 -5.58
C GLY A 132 0.88 -15.50 -6.05
N GLY A 133 -0.12 -14.62 -5.98
CA GLY A 133 -1.46 -14.97 -6.39
C GLY A 133 -1.83 -14.39 -7.75
N ALA A 134 -3.02 -14.73 -8.22
CA ALA A 134 -3.51 -14.21 -9.49
C ALA A 134 -5.04 -14.15 -9.50
N SER A 135 -5.58 -12.94 -9.63
CA SER A 135 -7.03 -12.77 -9.65
C SER A 135 -7.51 -12.17 -10.97
N VAL A 136 -8.54 -12.77 -11.55
CA VAL A 136 -9.15 -12.26 -12.77
C VAL A 136 -10.52 -11.69 -12.42
N VAL A 137 -10.72 -10.41 -12.71
CA VAL A 137 -11.95 -9.73 -12.32
C VAL A 137 -12.90 -9.45 -13.48
N CYS A 138 -14.15 -9.89 -13.33
CA CYS A 138 -15.19 -9.67 -14.32
C CYS A 138 -16.27 -8.76 -13.74
N PHE A 139 -16.41 -7.57 -14.34
CA PHE A 139 -17.40 -6.60 -13.87
C PHE A 139 -18.66 -6.61 -14.72
N LEU A 140 -19.81 -6.80 -14.06
CA LEU A 140 -21.11 -6.74 -14.70
C LEU A 140 -21.88 -5.54 -14.16
N ASN A 141 -21.84 -4.43 -14.89
CA ASN A 141 -22.36 -3.16 -14.39
C ASN A 141 -23.66 -2.68 -15.06
N ASN A 142 -24.50 -2.03 -14.25
CA ASN A 142 -25.66 -1.28 -14.72
C ASN A 142 -26.67 -2.03 -15.57
N PHE A 143 -27.20 -3.12 -15.02
CA PHE A 143 -28.19 -3.94 -15.74
C PHE A 143 -29.50 -4.02 -14.97
N TYR A 144 -30.56 -4.36 -15.68
CA TYR A 144 -31.89 -4.51 -15.08
C TYR A 144 -32.72 -5.50 -15.88
N PRO A 145 -33.42 -6.41 -15.20
CA PRO A 145 -33.49 -6.54 -13.74
C PRO A 145 -32.25 -7.19 -13.13
N LYS A 146 -32.28 -7.36 -11.82
CA LYS A 146 -31.11 -7.80 -11.05
C LYS A 146 -30.67 -9.24 -11.30
N ASP A 147 -31.63 -10.11 -11.62
CA ASP A 147 -31.32 -11.52 -11.87
C ASP A 147 -30.31 -11.65 -13.01
N ILE A 148 -29.28 -12.45 -12.78
CA ILE A 148 -28.22 -12.65 -13.77
C ILE A 148 -27.35 -13.86 -13.43
N ASN A 149 -26.71 -14.44 -14.44
CA ASN A 149 -25.82 -15.58 -14.23
C ASN A 149 -24.40 -15.30 -14.72
N VAL A 150 -23.43 -15.91 -14.05
CA VAL A 150 -22.02 -15.74 -14.39
C VAL A 150 -21.39 -17.09 -14.71
N LYS A 151 -20.56 -17.13 -15.74
CA LYS A 151 -19.94 -18.37 -16.18
C LYS A 151 -18.49 -18.15 -16.60
N TRP A 152 -17.56 -18.64 -15.79
CA TRP A 152 -16.14 -18.55 -16.13
C TRP A 152 -15.69 -19.73 -16.99
N LYS A 153 -14.96 -19.44 -18.06
CA LYS A 153 -14.30 -20.48 -18.84
C LYS A 153 -12.79 -20.28 -18.79
N ILE A 154 -12.06 -21.38 -18.72
CA ILE A 154 -10.61 -21.33 -18.83
C ILE A 154 -10.16 -22.25 -19.96
N ASP A 155 -9.46 -21.68 -20.94
CA ASP A 155 -9.03 -22.43 -22.12
C ASP A 155 -10.19 -23.21 -22.74
N GLY A 156 -11.38 -22.63 -22.70
CA GLY A 156 -12.55 -23.26 -23.29
C GLY A 156 -13.49 -23.89 -22.27
N SER A 157 -12.94 -24.76 -21.43
CA SER A 157 -13.74 -25.48 -20.44
C SER A 157 -14.16 -24.60 -19.28
N GLU A 158 -15.28 -24.95 -18.65
CA GLU A 158 -15.86 -24.14 -17.59
C GLU A 158 -15.11 -24.28 -16.27
N ARG A 159 -14.98 -23.16 -15.56
CA ARG A 159 -14.39 -23.15 -14.22
C ARG A 159 -15.37 -22.54 -13.23
N GLN A 160 -15.56 -23.21 -12.10
CA GLN A 160 -16.47 -22.72 -11.07
C GLN A 160 -15.80 -22.70 -9.70
N ASN A 161 -14.73 -23.48 -9.55
CA ASN A 161 -13.94 -23.46 -8.33
C ASN A 161 -13.04 -22.24 -8.28
N GLY A 162 -13.18 -21.44 -7.23
CA GLY A 162 -12.33 -20.29 -7.04
C GLY A 162 -12.94 -19.01 -7.57
N VAL A 163 -14.21 -19.08 -7.94
CA VAL A 163 -14.95 -17.91 -8.40
C VAL A 163 -15.79 -17.34 -7.28
N LEU A 164 -15.47 -16.12 -6.85
CA LEU A 164 -16.26 -15.44 -5.84
C LEU A 164 -17.13 -14.37 -6.49
N ASN A 165 -18.29 -14.09 -5.89
CA ASN A 165 -19.19 -13.09 -6.44
C ASN A 165 -19.70 -12.10 -5.40
N SER A 166 -19.99 -10.89 -5.85
CA SER A 166 -20.48 -9.82 -4.99
C SER A 166 -21.45 -8.93 -5.77
N TRP A 167 -22.63 -8.71 -5.21
CA TRP A 167 -23.65 -7.91 -5.90
C TRP A 167 -23.91 -6.59 -5.18
N THR A 168 -24.52 -5.65 -5.88
CA THR A 168 -24.87 -4.37 -5.29
C THR A 168 -26.38 -4.20 -5.24
N ASP A 169 -26.85 -3.43 -4.27
CA ASP A 169 -28.26 -3.10 -4.18
C ASP A 169 -28.62 -2.18 -5.33
N GLN A 170 -29.92 -1.95 -5.55
CA GLN A 170 -30.37 -1.10 -6.63
C GLN A 170 -29.73 0.27 -6.52
N ASP A 171 -29.15 0.74 -7.62
CA ASP A 171 -28.50 2.05 -7.65
C ASP A 171 -29.51 3.16 -7.40
N SER A 172 -29.15 4.09 -6.52
CA SER A 172 -30.08 5.15 -6.11
C SER A 172 -30.16 6.28 -7.14
N LYS A 173 -29.39 6.17 -8.21
CA LYS A 173 -29.38 7.19 -9.25
C LYS A 173 -30.16 6.75 -10.48
N ASP A 174 -29.78 5.62 -11.07
CA ASP A 174 -30.44 5.14 -12.27
C ASP A 174 -31.18 3.82 -12.05
N SER A 175 -31.25 3.39 -10.79
CA SER A 175 -32.05 2.22 -10.42
C SER A 175 -31.61 0.92 -11.08
N THR A 176 -30.37 0.88 -11.58
CA THR A 176 -29.85 -0.34 -12.18
C THR A 176 -29.13 -1.20 -11.14
N TYR A 177 -28.70 -2.39 -11.55
CA TYR A 177 -27.98 -3.29 -10.66
C TYR A 177 -26.61 -3.63 -11.24
N SER A 178 -25.71 -4.13 -10.38
CA SER A 178 -24.39 -4.56 -10.81
C SER A 178 -23.84 -5.67 -9.93
N MET A 179 -22.85 -6.39 -10.45
CA MET A 179 -22.15 -7.41 -9.67
C MET A 179 -20.71 -7.57 -10.14
N SER A 180 -19.90 -8.19 -9.29
CA SER A 180 -18.51 -8.47 -9.63
C SER A 180 -18.28 -9.98 -9.52
N SER A 181 -17.32 -10.48 -10.29
CA SER A 181 -16.93 -11.88 -10.18
C SER A 181 -15.42 -12.01 -10.29
N THR A 182 -14.81 -12.57 -9.25
CA THR A 182 -13.37 -12.73 -9.22
C THR A 182 -12.98 -14.20 -9.27
N LEU A 183 -12.19 -14.55 -10.30
CA LEU A 183 -11.63 -15.88 -10.42
C LEU A 183 -10.21 -15.86 -9.86
N THR A 184 -10.02 -16.55 -8.75
CA THR A 184 -8.72 -16.55 -8.08
C THR A 184 -7.96 -17.86 -8.28
N LEU A 185 -6.71 -17.74 -8.69
CA LEU A 185 -5.84 -18.89 -8.87
C LEU A 185 -4.46 -18.56 -8.32
N THR A 186 -3.54 -19.52 -8.38
CA THR A 186 -2.15 -19.26 -8.04
C THR A 186 -1.44 -18.79 -9.30
N LYS A 187 -0.36 -18.03 -9.13
CA LYS A 187 0.43 -17.57 -10.26
C LYS A 187 0.78 -18.74 -11.16
N ASP A 188 1.09 -19.88 -10.54
CA ASP A 188 1.53 -21.06 -11.29
C ASP A 188 0.46 -21.69 -12.17
N GLU A 189 -0.73 -21.92 -11.62
CA GLU A 189 -1.80 -22.51 -12.41
C GLU A 189 -2.44 -21.50 -13.35
N TYR A 190 -2.29 -20.21 -13.01
CA TYR A 190 -2.80 -19.15 -13.86
C TYR A 190 -2.00 -19.04 -15.16
N GLU A 191 -0.68 -18.92 -15.04
CA GLU A 191 0.18 -18.84 -16.21
C GLU A 191 0.36 -20.23 -16.83
N ARG A 192 -0.57 -21.13 -16.53
CA ARG A 192 -0.56 -22.46 -17.10
C ARG A 192 -1.58 -22.54 -18.23
N HIS A 193 -2.45 -21.54 -18.30
CA HIS A 193 -3.51 -21.52 -19.31
C HIS A 193 -3.49 -20.23 -20.12
N ASN A 194 -4.30 -20.19 -21.17
CA ASN A 194 -4.30 -19.06 -22.10
C ASN A 194 -5.60 -18.28 -22.11
N SER A 195 -6.67 -18.91 -22.59
CA SER A 195 -7.96 -18.24 -22.75
C SER A 195 -8.72 -18.09 -21.44
N TYR A 196 -8.98 -16.83 -21.06
CA TYR A 196 -9.79 -16.55 -19.86
C TYR A 196 -11.06 -15.82 -20.24
N THR A 197 -12.20 -16.46 -19.99
CA THR A 197 -13.49 -15.95 -20.44
C THR A 197 -14.51 -15.85 -19.30
N CYS A 198 -15.39 -14.86 -19.38
CA CYS A 198 -16.57 -14.82 -18.51
C CYS A 198 -17.81 -14.48 -19.33
N GLU A 199 -18.85 -15.29 -19.17
CA GLU A 199 -20.10 -15.09 -19.90
C GLU A 199 -21.23 -14.67 -18.96
N ALA A 200 -21.68 -13.44 -19.13
CA ALA A 200 -22.82 -12.95 -18.38
C ALA A 200 -24.10 -13.15 -19.18
N THR A 201 -24.95 -14.07 -18.73
CA THR A 201 -26.24 -14.28 -19.36
C THR A 201 -27.29 -13.42 -18.67
N HIS A 202 -28.11 -12.73 -19.45
CA HIS A 202 -29.17 -11.91 -18.90
C HIS A 202 -30.43 -12.04 -19.73
N LYS A 203 -31.57 -11.68 -19.14
CA LYS A 203 -32.84 -11.72 -19.84
C LYS A 203 -32.81 -10.79 -21.03
N THR A 204 -32.06 -9.70 -20.91
CA THR A 204 -31.94 -8.72 -21.98
C THR A 204 -31.58 -9.36 -23.31
N SER A 205 -30.47 -10.07 -23.34
CA SER A 205 -30.00 -10.70 -24.57
C SER A 205 -30.10 -12.23 -24.50
N THR A 206 -30.52 -12.83 -25.60
CA THR A 206 -30.59 -14.29 -25.69
C THR A 206 -29.19 -14.89 -25.89
N SER A 207 -28.28 -14.08 -26.42
CA SER A 207 -26.88 -14.46 -26.53
C SER A 207 -26.08 -13.88 -25.36
N PRO A 208 -25.41 -14.76 -24.59
CA PRO A 208 -24.68 -14.35 -23.39
C PRO A 208 -23.55 -13.37 -23.72
N ILE A 209 -23.55 -12.21 -23.04
CA ILE A 209 -22.48 -11.25 -23.24
C ILE A 209 -21.18 -11.90 -22.81
N VAL A 210 -20.22 -11.96 -23.72
CA VAL A 210 -18.98 -12.68 -23.47
C VAL A 210 -17.77 -11.78 -23.57
N LYS A 211 -17.01 -11.69 -22.49
CA LYS A 211 -15.73 -11.00 -22.51
C LYS A 211 -14.62 -12.00 -22.21
N SER A 212 -13.60 -11.98 -23.06
CA SER A 212 -12.50 -12.94 -22.94
C SER A 212 -11.17 -12.29 -23.26
N PHE A 213 -10.08 -12.94 -22.86
CA PHE A 213 -8.75 -12.45 -23.16
C PHE A 213 -7.70 -13.55 -23.11
N ASN A 214 -6.61 -13.34 -23.84
CA ASN A 214 -5.50 -14.28 -23.88
C ASN A 214 -4.25 -13.67 -23.26
N ARG A 215 -3.47 -14.48 -22.56
CA ARG A 215 -2.22 -14.01 -21.96
C ARG A 215 -1.15 -13.85 -23.05
N ASN A 216 -1.46 -14.38 -24.23
CA ASN A 216 -0.55 -14.30 -25.37
C ASN A 216 -0.41 -12.87 -25.88
N GLU A 217 -1.54 -12.18 -26.03
CA GLU A 217 -1.54 -10.80 -26.48
C GLU A 217 -0.88 -9.87 -25.47
N GLN B 1 -38.39 9.25 25.50
CA GLN B 1 -38.83 8.30 24.48
C GLN B 1 -37.95 7.06 24.49
N VAL B 2 -38.57 5.90 24.22
CA VAL B 2 -37.84 4.64 24.20
C VAL B 2 -36.56 4.78 23.40
N GLN B 3 -35.48 4.25 23.94
CA GLN B 3 -34.17 4.37 23.34
C GLN B 3 -33.30 3.21 23.80
N LEU B 4 -32.62 2.57 22.85
CA LEU B 4 -31.82 1.38 23.17
C LEU B 4 -30.36 1.54 22.77
N GLN B 5 -29.50 1.68 23.77
CA GLN B 5 -28.07 1.84 23.55
C GLN B 5 -27.35 0.49 23.66
N GLN B 6 -26.95 -0.07 22.52
CA GLN B 6 -26.29 -1.36 22.49
C GLN B 6 -24.76 -1.24 22.43
N SER B 7 -24.07 -2.14 23.12
CA SER B 7 -22.62 -2.17 23.09
C SER B 7 -22.07 -2.13 21.66
N GLY B 8 -20.84 -1.66 21.52
CA GLY B 8 -20.20 -1.51 20.23
C GLY B 8 -19.89 -2.83 19.58
N PRO B 9 -19.29 -2.80 18.39
CA PRO B 9 -18.94 -4.03 17.66
C PRO B 9 -18.00 -4.92 18.47
N GLU B 10 -18.16 -6.22 18.31
CA GLU B 10 -17.39 -7.18 19.10
C GLU B 10 -16.58 -8.10 18.18
N LEU B 11 -15.29 -8.23 18.48
CA LEU B 11 -14.42 -9.14 17.75
C LEU B 11 -13.80 -10.15 18.70
N VAL B 12 -14.18 -11.41 18.53
CA VAL B 12 -13.67 -12.48 19.37
C VAL B 12 -13.41 -13.73 18.53
N LYS B 13 -12.68 -14.68 19.10
CA LYS B 13 -12.30 -15.89 18.39
C LYS B 13 -13.24 -17.05 18.74
N PRO B 14 -13.34 -18.03 17.83
CA PRO B 14 -14.16 -19.23 18.08
C PRO B 14 -13.89 -19.80 19.47
N GLY B 15 -14.87 -20.50 20.03
CA GLY B 15 -14.70 -21.17 21.31
C GLY B 15 -14.86 -20.27 22.52
N ALA B 16 -14.89 -18.95 22.28
CA ALA B 16 -15.01 -17.99 23.35
C ALA B 16 -16.46 -17.58 23.56
N SER B 17 -16.67 -16.55 24.38
CA SER B 17 -18.01 -16.03 24.64
C SER B 17 -18.02 -14.51 24.70
N VAL B 18 -19.20 -13.93 24.49
CA VAL B 18 -19.34 -12.48 24.53
C VAL B 18 -20.55 -12.09 25.38
N LYS B 19 -20.49 -10.89 25.96
CA LYS B 19 -21.61 -10.37 26.74
C LYS B 19 -22.01 -8.99 26.21
N MET B 20 -22.97 -8.97 25.29
CA MET B 20 -23.42 -7.74 24.66
C MET B 20 -24.39 -7.00 25.57
N SER B 21 -24.42 -5.68 25.46
CA SER B 21 -25.24 -4.88 26.35
C SER B 21 -26.28 -4.05 25.59
N CYS B 22 -27.34 -3.67 26.31
CA CYS B 22 -28.45 -2.93 25.75
C CYS B 22 -29.02 -2.02 26.84
N LYS B 23 -28.73 -0.73 26.74
CA LYS B 23 -29.15 0.21 27.78
C LYS B 23 -30.45 0.90 27.39
N ALA B 24 -31.48 0.67 28.19
CA ALA B 24 -32.82 1.20 27.91
C ALA B 24 -33.02 2.59 28.49
N SER B 25 -33.57 3.49 27.68
CA SER B 25 -33.80 4.86 28.09
C SER B 25 -35.21 5.29 27.69
N GLY B 26 -35.79 6.20 28.47
CA GLY B 26 -37.04 6.82 28.09
C GLY B 26 -38.30 6.13 28.59
N TYR B 27 -38.13 5.01 29.30
CA TYR B 27 -39.29 4.28 29.82
C TYR B 27 -38.98 3.55 31.12
N THR B 28 -40.04 3.11 31.80
CA THR B 28 -39.90 2.32 33.01
C THR B 28 -39.40 0.91 32.67
N PHE B 29 -38.14 0.66 32.97
CA PHE B 29 -37.46 -0.59 32.61
C PHE B 29 -38.33 -1.85 32.71
N THR B 30 -39.18 -1.92 33.72
CA THR B 30 -39.94 -3.13 34.02
C THR B 30 -41.25 -3.25 33.25
N ASP B 31 -41.49 -2.31 32.34
CA ASP B 31 -42.71 -2.31 31.54
C ASP B 31 -42.52 -3.06 30.22
N TYR B 32 -41.27 -3.09 29.74
CA TYR B 32 -40.97 -3.63 28.43
C TYR B 32 -40.16 -4.91 28.50
N VAL B 33 -40.65 -5.95 27.83
CA VAL B 33 -39.87 -7.15 27.60
C VAL B 33 -38.68 -6.77 26.73
N ILE B 34 -37.55 -7.41 26.95
CA ILE B 34 -36.39 -7.20 26.08
C ILE B 34 -36.27 -8.36 25.11
N SER B 35 -36.44 -8.07 23.82
CA SER B 35 -36.34 -9.10 22.80
C SER B 35 -34.93 -9.13 22.21
N TRP B 36 -34.46 -10.32 21.86
CA TRP B 36 -33.16 -10.47 21.22
C TRP B 36 -33.30 -11.15 19.87
N VAL B 37 -33.07 -10.39 18.80
CA VAL B 37 -33.18 -10.93 17.45
C VAL B 37 -31.83 -10.97 16.77
N LYS B 38 -31.62 -12.02 15.98
CA LYS B 38 -30.38 -12.19 15.23
C LYS B 38 -30.62 -11.99 13.75
N GLN B 39 -29.75 -11.23 13.11
CA GLN B 39 -29.80 -11.09 11.66
C GLN B 39 -28.42 -11.29 11.05
N ARG B 40 -28.25 -12.43 10.39
CA ARG B 40 -26.99 -12.73 9.70
C ARG B 40 -26.94 -11.88 8.44
N THR B 41 -25.86 -11.14 8.28
CA THR B 41 -25.72 -10.20 7.17
C THR B 41 -26.38 -10.68 5.88
N GLY B 42 -27.31 -9.87 5.37
CA GLY B 42 -28.01 -10.18 4.13
C GLY B 42 -29.18 -11.14 4.31
N GLN B 43 -29.26 -11.78 5.46
CA GLN B 43 -30.31 -12.77 5.72
C GLN B 43 -31.51 -12.15 6.44
N GLY B 44 -32.44 -13.01 6.85
CA GLY B 44 -33.65 -12.57 7.51
C GLY B 44 -33.48 -12.37 9.00
N LEU B 45 -34.60 -12.32 9.72
CA LEU B 45 -34.57 -12.08 11.15
C LEU B 45 -34.85 -13.37 11.92
N GLU B 46 -34.10 -13.60 13.00
CA GLU B 46 -34.28 -14.79 13.81
C GLU B 46 -34.45 -14.44 15.29
N TRP B 47 -35.60 -14.77 15.84
CA TRP B 47 -35.83 -14.54 17.26
C TRP B 47 -34.98 -15.51 18.09
N ILE B 48 -34.31 -14.97 19.10
CA ILE B 48 -33.44 -15.75 19.96
C ILE B 48 -34.13 -16.08 21.28
N GLY B 49 -34.68 -15.04 21.91
CA GLY B 49 -35.35 -15.18 23.18
C GLY B 49 -35.67 -13.82 23.77
N GLU B 50 -35.96 -13.80 25.07
CA GLU B 50 -36.29 -12.55 25.73
C GLU B 50 -36.05 -12.57 27.23
N PHE B 51 -35.76 -11.40 27.79
CA PHE B 51 -35.63 -11.23 29.22
C PHE B 51 -36.61 -10.17 29.69
N TYR B 52 -37.53 -10.55 30.57
CA TYR B 52 -38.47 -9.59 31.13
C TYR B 52 -38.04 -9.12 32.53
N PRO B 53 -37.50 -7.91 32.62
CA PRO B 53 -36.99 -7.31 33.86
C PRO B 53 -38.03 -7.26 34.97
N GLY B 54 -39.31 -7.36 34.61
CA GLY B 54 -40.37 -7.30 35.60
C GLY B 54 -40.33 -8.46 36.59
N THR B 55 -40.01 -9.64 36.08
CA THR B 55 -39.97 -10.84 36.90
C THR B 55 -38.76 -11.68 36.55
N ASP B 56 -37.80 -11.05 35.86
CA ASP B 56 -36.59 -11.74 35.41
C ASP B 56 -36.92 -12.98 34.58
N SER B 57 -38.19 -13.09 34.16
CA SER B 57 -38.61 -14.24 33.36
C SER B 57 -37.90 -14.25 32.02
N THR B 58 -37.47 -15.43 31.60
CA THR B 58 -36.71 -15.56 30.35
C THR B 58 -37.23 -16.69 29.47
N TYR B 59 -36.93 -16.60 28.18
CA TYR B 59 -37.23 -17.67 27.24
C TYR B 59 -36.09 -17.84 26.23
N TYR B 60 -35.67 -19.08 26.03
CA TYR B 60 -34.59 -19.40 25.09
C TYR B 60 -35.12 -20.29 23.97
N THR B 61 -34.79 -19.95 22.74
CA THR B 61 -35.10 -20.82 21.61
C THR B 61 -34.13 -21.99 21.62
N GLU B 62 -34.51 -23.07 20.93
CA GLU B 62 -33.74 -24.31 20.98
C GLU B 62 -32.27 -24.11 20.60
N ASN B 63 -32.02 -23.22 19.64
CA ASN B 63 -30.67 -23.01 19.12
C ASN B 63 -29.75 -22.24 20.05
N PHE B 64 -30.32 -21.62 21.07
CA PHE B 64 -29.53 -20.86 22.03
C PHE B 64 -29.78 -21.37 23.44
N LYS B 65 -30.42 -22.53 23.55
CA LYS B 65 -30.82 -23.08 24.85
C LYS B 65 -29.63 -23.25 25.79
N GLY B 66 -28.50 -23.70 25.23
CA GLY B 66 -27.32 -23.93 26.04
C GLY B 66 -26.34 -22.78 25.99
N ARG B 67 -26.17 -22.19 24.81
CA ARG B 67 -25.21 -21.11 24.61
C ARG B 67 -25.56 -19.81 25.35
N ALA B 68 -26.78 -19.33 25.13
CA ALA B 68 -27.13 -17.97 25.53
C ALA B 68 -27.42 -17.81 27.01
N THR B 69 -27.35 -16.57 27.48
CA THR B 69 -27.66 -16.23 28.85
C THR B 69 -28.13 -14.77 28.94
N LEU B 70 -29.44 -14.58 28.98
CA LEU B 70 -30.03 -13.25 29.04
C LEU B 70 -30.11 -12.75 30.48
N THR B 71 -29.65 -11.52 30.70
CA THR B 71 -29.65 -10.93 32.04
C THR B 71 -30.01 -9.46 31.98
N ALA B 72 -30.09 -8.82 33.15
CA ALA B 72 -30.39 -7.39 33.21
C ALA B 72 -30.06 -6.79 34.59
N ASP B 73 -29.56 -5.56 34.58
CA ASP B 73 -29.30 -4.83 35.81
C ASP B 73 -30.30 -3.70 35.95
N LYS B 74 -31.37 -3.94 36.70
CA LYS B 74 -32.40 -2.93 36.92
C LYS B 74 -31.79 -1.62 37.42
N SER B 75 -30.64 -1.71 38.08
CA SER B 75 -29.96 -0.52 38.60
C SER B 75 -29.60 0.46 37.48
N SER B 76 -29.03 -0.07 36.40
CA SER B 76 -28.63 0.77 35.28
C SER B 76 -29.52 0.56 34.07
N LYS B 77 -30.71 0.01 34.31
CA LYS B 77 -31.70 -0.22 33.27
C LYS B 77 -31.08 -0.80 31.99
N THR B 78 -30.09 -1.68 32.16
CA THR B 78 -29.43 -2.29 31.02
C THR B 78 -29.63 -3.80 31.01
N ALA B 79 -29.82 -4.35 29.82
CA ALA B 79 -30.01 -5.79 29.64
C ALA B 79 -28.86 -6.36 28.84
N TYR B 80 -28.40 -7.55 29.23
CA TYR B 80 -27.28 -8.18 28.55
C TYR B 80 -27.68 -9.48 27.89
N MET B 81 -27.01 -9.81 26.79
CA MET B 81 -27.10 -11.15 26.23
C MET B 81 -25.71 -11.76 26.14
N GLN B 82 -25.56 -12.94 26.71
CA GLN B 82 -24.29 -13.66 26.66
C GLN B 82 -24.40 -14.86 25.74
N LEU B 83 -23.52 -14.93 24.75
CA LEU B 83 -23.45 -16.09 23.88
C LEU B 83 -22.13 -16.81 24.11
N SER B 84 -22.21 -18.12 24.36
CA SER B 84 -21.02 -18.92 24.67
C SER B 84 -20.60 -19.84 23.52
N SER B 85 -19.39 -20.37 23.61
CA SER B 85 -18.88 -21.31 22.62
C SER B 85 -19.15 -20.83 21.20
N LEU B 86 -18.64 -19.64 20.89
CA LEU B 86 -18.92 -18.98 19.62
C LEU B 86 -18.28 -19.68 18.43
N THR B 87 -18.89 -19.51 17.25
CA THR B 87 -18.33 -20.04 16.02
C THR B 87 -18.44 -18.97 14.93
N SER B 88 -17.90 -19.27 13.75
CA SER B 88 -17.95 -18.33 12.65
C SER B 88 -19.40 -18.08 12.26
N GLU B 89 -20.26 -19.07 12.52
CA GLU B 89 -21.66 -18.97 12.14
C GLU B 89 -22.49 -18.16 13.12
N ASP B 90 -21.84 -17.69 14.18
CA ASP B 90 -22.46 -16.75 15.11
C ASP B 90 -22.21 -15.31 14.69
N SER B 91 -21.43 -15.13 13.62
CA SER B 91 -21.11 -13.81 13.12
C SER B 91 -22.33 -13.18 12.46
N ALA B 92 -22.93 -12.22 13.14
CA ALA B 92 -24.14 -11.58 12.65
C ALA B 92 -24.38 -10.28 13.41
N VAL B 93 -25.49 -9.61 13.12
CA VAL B 93 -25.86 -8.44 13.89
C VAL B 93 -26.92 -8.87 14.90
N TYR B 94 -26.76 -8.40 16.14
CA TYR B 94 -27.67 -8.79 17.20
C TYR B 94 -28.41 -7.59 17.76
N PHE B 95 -29.71 -7.53 17.47
CA PHE B 95 -30.53 -6.45 17.95
C PHE B 95 -31.14 -6.80 19.28
N CYS B 96 -31.28 -5.80 20.14
CA CYS B 96 -32.16 -5.92 21.28
C CYS B 96 -33.31 -4.95 21.05
N ALA B 97 -34.54 -5.42 21.29
CA ALA B 97 -35.70 -4.59 21.04
C ALA B 97 -36.66 -4.62 22.22
N THR B 98 -37.31 -3.49 22.48
CA THR B 98 -38.36 -3.45 23.49
C THR B 98 -39.58 -4.16 22.93
N ALA B 99 -39.55 -5.48 23.01
CA ALA B 99 -40.66 -6.30 22.54
C ALA B 99 -41.12 -5.90 21.15
N PHE B 100 -40.17 -5.84 20.21
CA PHE B 100 -40.47 -5.54 18.81
C PHE B 100 -41.06 -4.16 18.55
N ASP B 101 -41.27 -3.38 19.61
CA ASP B 101 -41.74 -2.01 19.46
C ASP B 101 -40.61 -1.09 18.98
N TYR B 102 -39.46 -1.18 19.64
CA TYR B 102 -38.30 -0.38 19.27
C TYR B 102 -37.07 -1.27 19.22
N TRP B 103 -36.15 -0.97 18.30
CA TRP B 103 -34.96 -1.79 18.16
C TRP B 103 -33.69 -0.94 18.26
N GLY B 104 -32.70 -1.43 19.00
CA GLY B 104 -31.41 -0.78 19.05
C GLY B 104 -30.73 -0.86 17.69
N GLN B 105 -29.64 -0.10 17.53
CA GLN B 105 -28.89 -0.12 16.29
C GLN B 105 -28.29 -1.51 16.08
N GLY B 106 -28.26 -2.29 17.14
CA GLY B 106 -27.72 -3.64 17.08
C GLY B 106 -26.23 -3.70 17.32
N THR B 107 -25.72 -4.91 17.54
CA THR B 107 -24.31 -5.12 17.76
C THR B 107 -23.75 -6.15 16.79
N THR B 108 -22.92 -5.69 15.87
CA THR B 108 -22.28 -6.60 14.93
C THR B 108 -21.27 -7.46 15.67
N LEU B 109 -21.45 -8.77 15.61
CA LEU B 109 -20.49 -9.69 16.22
C LEU B 109 -19.69 -10.40 15.12
N THR B 110 -18.38 -10.33 15.24
CA THR B 110 -17.49 -10.98 14.28
C THR B 110 -16.61 -12.00 14.96
N VAL B 111 -16.99 -13.27 14.84
CA VAL B 111 -16.22 -14.36 15.39
C VAL B 111 -15.25 -14.86 14.34
N SER B 112 -13.96 -14.88 14.69
CA SER B 112 -12.93 -15.30 13.75
C SER B 112 -11.60 -15.52 14.44
N SER B 113 -10.73 -16.28 13.79
CA SER B 113 -9.40 -16.56 14.31
C SER B 113 -8.36 -15.71 13.60
N ALA B 114 -8.82 -14.83 12.72
CA ALA B 114 -7.92 -14.00 11.94
C ALA B 114 -7.34 -12.86 12.76
N ALA B 115 -6.11 -12.47 12.44
CA ALA B 115 -5.46 -11.34 13.06
C ALA B 115 -5.51 -10.16 12.09
N THR B 116 -5.35 -8.95 12.61
CA THR B 116 -5.40 -7.75 11.78
C THR B 116 -4.46 -7.88 10.59
N THR B 117 -5.04 -7.86 9.39
CA THR B 117 -4.27 -8.03 8.16
C THR B 117 -4.56 -6.91 7.17
N PRO B 118 -3.53 -6.14 6.80
CA PRO B 118 -3.66 -5.06 5.82
C PRO B 118 -3.89 -5.62 4.42
N PRO B 119 -4.76 -4.94 3.65
CA PRO B 119 -5.16 -5.38 2.31
C PRO B 119 -4.08 -5.13 1.28
N SER B 120 -4.10 -5.90 0.21
CA SER B 120 -3.23 -5.65 -0.93
C SER B 120 -4.07 -5.00 -2.01
N VAL B 121 -3.67 -3.81 -2.45
CA VAL B 121 -4.41 -3.09 -3.48
C VAL B 121 -3.79 -3.28 -4.85
N TYR B 122 -4.57 -3.83 -5.77
CA TYR B 122 -4.11 -4.02 -7.14
C TYR B 122 -4.98 -3.22 -8.09
N PRO B 123 -4.36 -2.59 -9.11
CA PRO B 123 -5.09 -1.80 -10.11
C PRO B 123 -5.66 -2.68 -11.20
N LEU B 124 -6.86 -2.35 -11.67
CA LEU B 124 -7.48 -3.07 -12.78
C LEU B 124 -7.51 -2.18 -14.02
N ALA B 125 -6.44 -2.25 -14.81
CA ALA B 125 -6.32 -1.46 -16.02
C ALA B 125 -6.94 -2.18 -17.21
N PRO B 126 -7.41 -1.42 -18.21
CA PRO B 126 -8.03 -2.00 -19.42
C PRO B 126 -7.05 -2.86 -20.19
N SER B 134 -18.00 6.78 -26.35
CA SER B 134 -17.28 5.63 -25.83
C SER B 134 -16.76 5.91 -24.43
N MET B 135 -17.00 4.98 -23.51
CA MET B 135 -16.56 5.13 -22.13
C MET B 135 -15.42 4.17 -21.82
N VAL B 136 -14.82 4.33 -20.65
CA VAL B 136 -13.78 3.40 -20.20
C VAL B 136 -14.01 2.99 -18.74
N THR B 137 -13.80 1.71 -18.46
CA THR B 137 -14.01 1.18 -17.12
C THR B 137 -12.70 0.75 -16.48
N LEU B 138 -12.40 1.34 -15.33
CA LEU B 138 -11.24 0.96 -14.55
C LEU B 138 -11.71 0.40 -13.22
N GLY B 139 -10.77 0.00 -12.38
CA GLY B 139 -11.12 -0.52 -11.07
C GLY B 139 -9.89 -0.94 -10.30
N CYS B 140 -10.10 -1.50 -9.11
CA CYS B 140 -8.98 -2.04 -8.33
C CYS B 140 -9.43 -3.08 -7.31
N LEU B 141 -8.60 -4.10 -7.12
CA LEU B 141 -8.91 -5.17 -6.18
C LEU B 141 -8.26 -4.92 -4.82
N VAL B 142 -9.05 -5.10 -3.78
CA VAL B 142 -8.56 -4.96 -2.41
C VAL B 142 -8.64 -6.33 -1.72
N LYS B 143 -7.54 -7.07 -1.78
CA LYS B 143 -7.54 -8.49 -1.41
C LYS B 143 -6.82 -8.79 -0.10
N GLY B 144 -7.39 -9.71 0.68
CA GLY B 144 -6.73 -10.24 1.85
C GLY B 144 -6.60 -9.32 3.05
N TYR B 145 -7.67 -8.64 3.42
CA TYR B 145 -7.63 -7.78 4.59
C TYR B 145 -8.57 -8.25 5.69
N PHE B 146 -8.26 -7.84 6.91
CA PHE B 146 -9.11 -8.13 8.06
C PHE B 146 -8.75 -7.20 9.21
N PRO B 147 -9.77 -6.70 9.92
CA PRO B 147 -11.17 -7.00 9.60
C PRO B 147 -11.81 -5.90 8.78
N GLU B 148 -13.11 -6.02 8.52
CA GLU B 148 -13.88 -4.95 7.91
C GLU B 148 -13.82 -3.72 8.79
N PRO B 149 -14.12 -2.55 8.23
CA PRO B 149 -14.43 -2.37 6.81
C PRO B 149 -13.26 -1.78 6.04
N VAL B 150 -13.49 -1.43 4.78
CA VAL B 150 -12.48 -0.80 3.96
C VAL B 150 -13.11 0.37 3.20
N THR B 151 -12.29 1.36 2.86
CA THR B 151 -12.77 2.55 2.16
C THR B 151 -12.18 2.66 0.77
N VAL B 152 -13.03 2.96 -0.20
CA VAL B 152 -12.58 3.12 -1.58
C VAL B 152 -13.21 4.34 -2.24
N THR B 153 -12.36 5.30 -2.61
CA THR B 153 -12.81 6.48 -3.36
C THR B 153 -12.03 6.59 -4.66
N TRP B 154 -12.49 7.44 -5.56
CA TRP B 154 -11.77 7.69 -6.80
C TRP B 154 -11.44 9.18 -6.93
N ASN B 155 -10.16 9.45 -7.16
CA ASN B 155 -9.69 10.83 -7.20
C ASN B 155 -10.03 11.56 -5.90
N SER B 156 -9.87 10.84 -4.79
CA SER B 156 -10.12 11.37 -3.46
C SER B 156 -11.59 11.69 -3.24
N GLY B 157 -12.44 11.21 -4.14
CA GLY B 157 -13.87 11.45 -4.03
C GLY B 157 -14.39 12.31 -5.16
N SER B 158 -13.49 12.95 -5.89
CA SER B 158 -13.85 13.78 -7.03
C SER B 158 -14.74 13.01 -8.00
N LEU B 159 -14.34 11.78 -8.30
CA LEU B 159 -15.17 10.91 -9.11
C LEU B 159 -16.21 10.19 -8.25
N SER B 160 -17.47 10.57 -8.42
CA SER B 160 -18.53 10.00 -7.63
C SER B 160 -19.59 9.38 -8.53
N SER B 161 -19.80 10.00 -9.69
CA SER B 161 -20.79 9.53 -10.64
C SER B 161 -20.18 8.50 -11.59
N GLY B 162 -20.59 7.25 -11.42
CA GLY B 162 -20.09 6.17 -12.26
C GLY B 162 -19.34 5.13 -11.46
N VAL B 163 -19.06 5.46 -10.21
CA VAL B 163 -18.35 4.55 -9.32
C VAL B 163 -19.25 3.39 -8.90
N HIS B 164 -18.63 2.27 -8.56
CA HIS B 164 -19.34 1.08 -8.10
C HIS B 164 -18.46 0.28 -7.13
N THR B 165 -18.75 0.35 -5.85
CA THR B 165 -18.00 -0.41 -4.87
C THR B 165 -18.79 -1.61 -4.39
N PHE B 166 -18.22 -2.80 -4.56
CA PHE B 166 -18.92 -4.05 -4.27
C PHE B 166 -18.62 -4.55 -2.85
N PRO B 167 -19.62 -5.21 -2.24
CA PRO B 167 -19.47 -5.80 -0.90
C PRO B 167 -18.28 -6.74 -0.82
N ALA B 168 -17.61 -6.76 0.32
CA ALA B 168 -16.48 -7.66 0.52
C ALA B 168 -16.98 -9.09 0.67
N VAL B 169 -16.17 -10.03 0.17
CA VAL B 169 -16.45 -11.45 0.38
C VAL B 169 -15.47 -11.98 1.40
N LEU B 170 -15.75 -13.17 1.94
CA LEU B 170 -14.87 -13.77 2.93
C LEU B 170 -14.19 -15.01 2.35
N GLN B 171 -12.87 -14.95 2.25
CA GLN B 171 -12.09 -16.03 1.65
C GLN B 171 -10.92 -16.41 2.56
N SER B 172 -11.12 -17.49 3.32
CA SER B 172 -10.09 -17.98 4.25
C SER B 172 -9.73 -16.94 5.29
N ASP B 173 -10.72 -16.52 6.08
CA ASP B 173 -10.53 -15.56 7.17
C ASP B 173 -10.37 -14.12 6.69
N LEU B 174 -9.76 -13.95 5.52
CA LEU B 174 -9.44 -12.62 5.00
C LEU B 174 -10.50 -12.10 4.02
N TYR B 175 -10.97 -10.89 4.29
CA TYR B 175 -11.95 -10.24 3.43
C TYR B 175 -11.31 -9.73 2.13
N THR B 176 -12.12 -9.69 1.07
CA THR B 176 -11.64 -9.24 -0.23
C THR B 176 -12.76 -8.59 -1.04
N LEU B 177 -12.57 -7.34 -1.43
CA LEU B 177 -13.54 -6.66 -2.28
C LEU B 177 -12.87 -5.95 -3.45
N SER B 178 -13.67 -5.57 -4.44
CA SER B 178 -13.18 -4.79 -5.56
C SER B 178 -14.00 -3.52 -5.70
N SER B 179 -13.70 -2.73 -6.72
CA SER B 179 -14.45 -1.50 -7.00
C SER B 179 -14.16 -1.04 -8.42
N SER B 180 -15.19 -0.55 -9.09
CA SER B 180 -15.08 -0.14 -10.49
C SER B 180 -15.48 1.32 -10.66
N VAL B 181 -14.88 1.97 -11.65
CA VAL B 181 -15.26 3.32 -12.02
C VAL B 181 -15.27 3.43 -13.53
N THR B 182 -16.26 4.14 -14.06
CA THR B 182 -16.37 4.31 -15.50
C THR B 182 -16.34 5.80 -15.85
N VAL B 183 -15.34 6.18 -16.64
CA VAL B 183 -15.14 7.57 -17.00
C VAL B 183 -15.04 7.67 -18.53
N PRO B 184 -15.33 8.85 -19.09
CA PRO B 184 -15.11 9.10 -20.52
C PRO B 184 -13.74 8.63 -20.97
N SER B 185 -13.70 7.78 -22.00
CA SER B 185 -12.44 7.26 -22.52
C SER B 185 -11.54 8.38 -23.06
N SER B 186 -12.13 9.55 -23.27
CA SER B 186 -11.37 10.71 -23.72
C SER B 186 -10.49 11.23 -22.59
N THR B 187 -11.05 11.24 -21.38
CA THR B 187 -10.35 11.76 -20.22
C THR B 187 -9.47 10.71 -19.54
N TRP B 188 -9.00 9.75 -20.34
CA TRP B 188 -8.12 8.71 -19.80
C TRP B 188 -7.48 7.87 -20.89
N PRO B 189 -6.19 7.57 -20.75
CA PRO B 189 -5.36 7.97 -19.61
C PRO B 189 -4.96 9.43 -19.69
N SER B 190 -5.57 10.17 -20.62
CA SER B 190 -5.34 11.59 -20.75
C SER B 190 -5.29 12.26 -19.37
N GLU B 191 -6.35 12.07 -18.59
CA GLU B 191 -6.41 12.61 -17.24
C GLU B 191 -6.18 11.53 -16.21
N THR B 192 -5.59 11.90 -15.07
CA THR B 192 -5.29 10.96 -14.01
C THR B 192 -6.54 10.37 -13.37
N VAL B 193 -6.53 9.06 -13.17
CA VAL B 193 -7.57 8.39 -12.42
C VAL B 193 -6.89 7.46 -11.42
N THR B 194 -7.20 7.64 -10.15
CA THR B 194 -6.57 6.87 -9.09
C THR B 194 -7.58 6.48 -8.01
N CYS B 195 -7.56 5.22 -7.60
CA CYS B 195 -8.43 4.79 -6.51
C CYS B 195 -7.71 4.88 -5.17
N ASN B 196 -8.44 5.33 -4.15
CA ASN B 196 -7.87 5.51 -2.83
C ASN B 196 -8.45 4.48 -1.89
N VAL B 197 -7.57 3.71 -1.25
CA VAL B 197 -8.00 2.65 -0.36
C VAL B 197 -7.57 2.92 1.07
N ALA B 198 -8.47 2.65 2.01
CA ALA B 198 -8.17 2.85 3.42
C ALA B 198 -8.67 1.68 4.26
N HIS B 199 -7.79 1.20 5.14
CA HIS B 199 -8.17 0.15 6.08
C HIS B 199 -7.73 0.57 7.48
N PRO B 200 -8.58 1.33 8.17
CA PRO B 200 -8.25 1.95 9.46
C PRO B 200 -7.80 0.96 10.54
N ALA B 201 -8.24 -0.29 10.44
CA ALA B 201 -7.87 -1.31 11.42
C ALA B 201 -6.35 -1.48 11.50
N SER B 202 -5.73 -1.75 10.35
CA SER B 202 -4.28 -1.91 10.29
C SER B 202 -3.58 -0.55 10.13
N SER B 203 -4.36 0.52 10.18
CA SER B 203 -3.83 1.87 10.02
C SER B 203 -3.07 2.01 8.71
N THR B 204 -3.65 1.44 7.65
CA THR B 204 -3.03 1.46 6.34
C THR B 204 -3.83 2.30 5.34
N LYS B 205 -3.13 2.89 4.37
CA LYS B 205 -3.75 3.66 3.32
C LYS B 205 -2.96 3.51 2.03
N VAL B 206 -3.67 3.37 0.92
CA VAL B 206 -3.01 3.15 -0.36
C VAL B 206 -3.69 3.88 -1.52
N ASP B 207 -2.93 4.68 -2.24
CA ASP B 207 -3.41 5.30 -3.47
C ASP B 207 -2.77 4.56 -4.63
N LYS B 208 -3.54 4.32 -5.68
CA LYS B 208 -3.05 3.55 -6.82
C LYS B 208 -3.54 4.15 -8.13
N LYS B 209 -2.67 4.89 -8.81
CA LYS B 209 -3.05 5.49 -10.08
C LYS B 209 -3.24 4.41 -11.14
N ILE B 210 -4.33 4.53 -11.88
CA ILE B 210 -4.64 3.56 -12.92
C ILE B 210 -3.97 3.95 -14.22
N VAL B 211 -2.98 3.15 -14.62
CA VAL B 211 -2.23 3.41 -15.83
C VAL B 211 -2.46 2.31 -16.85
N PRO B 212 -2.48 2.67 -18.13
CA PRO B 212 -2.63 1.68 -19.22
C PRO B 212 -1.62 0.54 -19.11
N ARG B 213 -1.96 -0.61 -19.68
CA ARG B 213 -1.07 -1.77 -19.63
C ARG B 213 0.23 -1.51 -20.38
N GLN C 1 28.56 29.33 -23.09
CA GLN C 1 29.42 28.60 -22.17
C GLN C 1 29.26 27.10 -22.35
N VAL C 2 30.35 26.37 -22.19
CA VAL C 2 30.33 24.92 -22.35
C VAL C 2 29.16 24.33 -21.58
N GLN C 3 28.45 23.40 -22.22
CA GLN C 3 27.26 22.81 -21.65
C GLN C 3 27.06 21.43 -22.26
N LEU C 4 26.80 20.43 -21.41
CA LEU C 4 26.67 19.06 -21.89
C LEU C 4 25.31 18.44 -21.53
N GLN C 5 24.48 18.27 -22.54
CA GLN C 5 23.14 17.68 -22.35
C GLN C 5 23.16 16.18 -22.63
N GLN C 6 23.10 15.38 -21.58
CA GLN C 6 23.15 13.93 -21.72
C GLN C 6 21.77 13.28 -21.69
N SER C 7 21.58 12.24 -22.50
CA SER C 7 20.32 11.52 -22.53
C SER C 7 19.85 11.13 -21.14
N GLY C 8 18.55 10.94 -20.99
CA GLY C 8 17.96 10.60 -19.70
C GLY C 8 18.35 9.23 -19.22
N PRO C 9 17.83 8.82 -18.06
CA PRO C 9 18.14 7.50 -17.48
C PRO C 9 17.72 6.37 -18.41
N GLU C 10 18.50 5.29 -18.41
CA GLU C 10 18.26 4.18 -19.33
C GLU C 10 18.03 2.90 -18.56
N LEU C 11 16.96 2.19 -18.91
CA LEU C 11 16.66 0.90 -18.32
C LEU C 11 16.57 -0.16 -19.39
N VAL C 12 17.52 -1.10 -19.35
CA VAL C 12 17.57 -2.18 -20.33
C VAL C 12 17.97 -3.49 -19.64
N LYS C 13 17.76 -4.60 -20.35
CA LYS C 13 18.04 -5.92 -19.80
C LYS C 13 19.41 -6.44 -20.24
N PRO C 14 20.00 -7.34 -19.45
CA PRO C 14 21.28 -7.96 -19.80
C PRO C 14 21.29 -8.44 -21.25
N GLY C 15 22.47 -8.51 -21.85
CA GLY C 15 22.61 -9.00 -23.21
C GLY C 15 22.27 -8.00 -24.30
N ALA C 16 21.68 -6.88 -23.91
CA ALA C 16 21.29 -5.85 -24.88
C ALA C 16 22.36 -4.76 -24.99
N SER C 17 22.03 -3.67 -25.67
CA SER C 17 22.95 -2.56 -25.82
C SER C 17 22.22 -1.23 -25.70
N VAL C 18 22.97 -0.18 -25.39
CA VAL C 18 22.40 1.16 -25.25
C VAL C 18 23.24 2.19 -26.01
N LYS C 19 22.61 3.26 -26.46
CA LYS C 19 23.31 4.35 -27.13
C LYS C 19 23.01 5.67 -26.44
N MET C 20 23.86 6.04 -25.48
CA MET C 20 23.67 7.26 -24.71
C MET C 20 24.14 8.47 -25.49
N SER C 21 23.52 9.62 -25.23
CA SER C 21 23.83 10.83 -25.99
C SER C 21 24.37 11.95 -25.11
N CYS C 22 25.10 12.86 -25.75
CA CYS C 22 25.73 13.98 -25.07
C CYS C 22 25.75 15.16 -26.03
N LYS C 23 24.88 16.14 -25.79
CA LYS C 23 24.77 17.28 -26.69
C LYS C 23 25.57 18.47 -26.18
N ALA C 24 26.58 18.86 -26.96
CA ALA C 24 27.49 19.94 -26.59
C ALA C 24 26.97 21.31 -27.00
N SER C 25 27.04 22.26 -26.06
CA SER C 25 26.57 23.60 -26.32
C SER C 25 27.60 24.60 -25.82
N GLY C 26 27.66 25.77 -26.46
CA GLY C 26 28.47 26.86 -25.97
C GLY C 26 29.89 26.93 -26.51
N TYR C 27 30.26 25.97 -27.34
CA TYR C 27 31.61 25.95 -27.89
C TYR C 27 31.67 25.33 -29.29
N THR C 28 32.78 25.53 -29.97
CA THR C 28 33.02 24.92 -31.27
C THR C 28 33.28 23.42 -31.11
N PHE C 29 32.28 22.61 -31.49
CA PHE C 29 32.30 21.17 -31.30
C PHE C 29 33.67 20.50 -31.50
N THR C 30 34.43 20.98 -32.48
CA THR C 30 35.66 20.32 -32.89
C THR C 30 36.89 20.77 -32.10
N ASP C 31 36.66 21.59 -31.08
CA ASP C 31 37.76 22.08 -30.24
C ASP C 31 37.98 21.19 -29.02
N TYR C 32 36.92 20.51 -28.60
CA TYR C 32 36.94 19.75 -27.36
C TYR C 32 36.85 18.25 -27.61
N VAL C 33 37.80 17.51 -27.05
CA VAL C 33 37.71 16.05 -26.98
C VAL C 33 36.50 15.71 -26.11
N ILE C 34 35.82 14.63 -26.44
CA ILE C 34 34.73 14.16 -25.60
C ILE C 34 35.21 12.98 -24.78
N SER C 35 35.25 13.15 -23.46
CA SER C 35 35.68 12.09 -22.56
C SER C 35 34.48 11.32 -22.03
N TRP C 36 34.65 10.02 -21.83
CA TRP C 36 33.59 9.19 -21.26
C TRP C 36 34.08 8.51 -19.99
N VAL C 37 33.53 8.92 -18.85
CA VAL C 37 33.93 8.37 -17.57
C VAL C 37 32.79 7.59 -16.94
N LYS C 38 33.13 6.49 -16.28
CA LYS C 38 32.15 5.66 -15.61
C LYS C 38 32.31 5.76 -14.11
N GLN C 39 31.18 5.93 -13.41
CA GLN C 39 31.20 5.91 -11.96
C GLN C 39 30.11 5.00 -11.42
N ARG C 40 30.52 3.85 -10.91
CA ARG C 40 29.59 2.91 -10.31
C ARG C 40 29.16 3.47 -8.96
N THR C 41 27.86 3.57 -8.74
CA THR C 41 27.31 4.19 -7.54
C THR C 41 28.15 3.95 -6.28
N GLY C 42 28.59 5.04 -5.65
CA GLY C 42 29.38 4.95 -4.44
C GLY C 42 30.86 4.72 -4.68
N GLN C 43 31.22 4.33 -5.90
CA GLN C 43 32.61 4.01 -6.23
C GLN C 43 33.34 5.20 -6.83
N GLY C 44 34.56 4.97 -7.29
CA GLY C 44 35.38 6.02 -7.86
C GLY C 44 35.11 6.26 -9.34
N LEU C 45 36.03 6.93 -10.01
CA LEU C 45 35.86 7.29 -11.41
C LEU C 45 36.71 6.40 -12.30
N GLU C 46 36.14 5.97 -13.42
CA GLU C 46 36.87 5.12 -14.36
C GLU C 46 36.80 5.67 -15.77
N TRP C 47 37.96 6.01 -16.34
CA TRP C 47 38.02 6.48 -17.70
C TRP C 47 37.72 5.34 -18.67
N ILE C 48 36.84 5.59 -19.63
CA ILE C 48 36.43 4.59 -20.61
C ILE C 48 37.16 4.80 -21.93
N GLY C 49 37.13 6.04 -22.40
CA GLY C 49 37.75 6.39 -23.66
C GLY C 49 37.36 7.78 -24.09
N GLU C 50 37.56 8.11 -25.37
CA GLU C 50 37.23 9.43 -25.86
C GLU C 50 36.98 9.46 -27.36
N PHE C 51 36.15 10.40 -27.79
CA PHE C 51 35.93 10.65 -29.20
C PHE C 51 36.26 12.11 -29.52
N TYR C 52 37.23 12.32 -30.40
CA TYR C 52 37.56 13.68 -30.82
C TYR C 52 36.93 14.03 -32.16
N PRO C 53 35.87 14.85 -32.13
CA PRO C 53 35.11 15.26 -33.32
C PRO C 53 35.97 15.93 -34.38
N GLY C 54 37.14 16.43 -34.00
CA GLY C 54 38.02 17.10 -34.92
C GLY C 54 38.52 16.19 -36.03
N THR C 55 38.83 14.95 -35.67
CA THR C 55 39.35 13.99 -36.64
C THR C 55 38.69 12.63 -36.44
N ASP C 56 37.57 12.62 -35.73
CA ASP C 56 36.87 11.38 -35.38
C ASP C 56 37.78 10.38 -34.68
N SER C 57 38.94 10.85 -34.23
CA SER C 57 39.89 9.98 -33.54
C SER C 57 39.30 9.45 -32.24
N THR C 58 39.52 8.17 -31.97
CA THR C 58 38.95 7.55 -30.79
C THR C 58 39.97 6.72 -30.02
N TYR C 59 39.69 6.50 -28.75
CA TYR C 59 40.49 5.61 -27.91
C TYR C 59 39.60 4.80 -26.98
N TYR C 60 39.84 3.48 -26.94
CA TYR C 60 39.08 2.59 -26.07
C TYR C 60 40.00 1.95 -25.05
N THR C 61 39.57 1.93 -23.80
CA THR C 61 40.29 1.18 -22.77
C THR C 61 40.01 -0.29 -22.95
N GLU C 62 40.88 -1.14 -22.37
CA GLU C 62 40.80 -2.58 -22.58
C GLU C 62 39.43 -3.15 -22.23
N ASN C 63 38.81 -2.61 -21.19
CA ASN C 63 37.55 -3.15 -20.69
C ASN C 63 36.34 -2.81 -21.57
N PHE C 64 36.51 -1.87 -22.49
CA PHE C 64 35.43 -1.49 -23.39
C PHE C 64 35.85 -1.64 -24.84
N LYS C 65 36.97 -2.33 -25.05
CA LYS C 65 37.55 -2.47 -26.38
C LYS C 65 36.57 -3.08 -27.37
N GLY C 66 35.83 -4.08 -26.91
CA GLY C 66 34.87 -4.75 -27.77
C GLY C 66 33.46 -4.23 -27.64
N ARG C 67 33.06 -3.94 -26.40
CA ARG C 67 31.70 -3.49 -26.10
C ARG C 67 31.36 -2.12 -26.69
N ALA C 68 32.19 -1.13 -26.37
CA ALA C 68 31.85 0.27 -26.61
C ALA C 68 31.98 0.73 -28.05
N THR C 69 31.30 1.82 -28.37
CA THR C 69 31.38 2.43 -29.69
C THR C 69 31.09 3.92 -29.59
N LEU C 70 32.14 4.73 -29.57
CA LEU C 70 32.01 6.18 -29.46
C LEU C 70 31.80 6.82 -30.82
N THR C 71 30.80 7.68 -30.92
CA THR C 71 30.47 8.35 -32.17
C THR C 71 30.08 9.80 -31.94
N ALA C 72 29.81 10.53 -33.02
CA ALA C 72 29.38 11.92 -32.91
C ALA C 72 28.78 12.44 -34.22
N ASP C 73 27.74 13.27 -34.09
CA ASP C 73 27.13 13.92 -35.23
C ASP C 73 27.45 15.41 -35.21
N LYS C 74 28.49 15.80 -35.94
CA LYS C 74 28.89 17.20 -36.01
C LYS C 74 27.72 18.10 -36.39
N SER C 75 26.74 17.54 -37.07
CA SER C 75 25.56 18.29 -37.49
C SER C 75 24.79 18.84 -36.29
N SER C 76 24.58 17.99 -35.29
CA SER C 76 23.85 18.40 -34.10
C SER C 76 24.76 18.51 -32.89
N LYS C 77 26.06 18.63 -33.16
CA LYS C 77 27.06 18.78 -32.10
C LYS C 77 26.82 17.83 -30.93
N THR C 78 26.38 16.61 -31.23
CA THR C 78 26.13 15.62 -30.19
C THR C 78 27.04 14.41 -30.34
N ALA C 79 27.50 13.88 -29.22
CA ALA C 79 28.37 12.71 -29.20
C ALA C 79 27.67 11.57 -28.50
N TYR C 80 27.82 10.36 -29.04
CA TYR C 80 27.15 9.20 -28.49
C TYR C 80 28.15 8.18 -27.96
N MET C 81 27.75 7.44 -26.93
CA MET C 81 28.50 6.25 -26.53
C MET C 81 27.58 5.05 -26.55
N GLN C 82 28.00 4.01 -27.26
CA GLN C 82 27.23 2.78 -27.33
C GLN C 82 27.94 1.67 -26.56
N LEU C 83 27.23 1.08 -25.62
CA LEU C 83 27.75 -0.07 -24.89
C LEU C 83 26.94 -1.30 -25.25
N SER C 84 27.63 -2.38 -25.63
CA SER C 84 26.98 -3.61 -26.08
C SER C 84 27.09 -4.74 -25.05
N SER C 85 26.28 -5.77 -25.24
CA SER C 85 26.31 -6.95 -24.38
C SER C 85 26.35 -6.57 -22.91
N LEU C 86 25.33 -5.82 -22.48
CA LEU C 86 25.29 -5.25 -21.14
C LEU C 86 25.10 -6.31 -20.06
N THR C 87 25.59 -6.02 -18.85
CA THR C 87 25.38 -6.88 -17.70
C THR C 87 25.00 -6.04 -16.50
N SER C 88 24.69 -6.70 -15.38
CA SER C 88 24.31 -5.98 -14.17
C SER C 88 25.47 -5.10 -13.71
N GLU C 89 26.67 -5.51 -14.05
CA GLU C 89 27.88 -4.81 -13.61
C GLU C 89 28.17 -3.58 -14.47
N ASP C 90 27.36 -3.37 -15.49
CA ASP C 90 27.42 -2.15 -16.29
C ASP C 90 26.53 -1.07 -15.70
N SER C 91 25.79 -1.41 -14.66
CA SER C 91 24.88 -0.47 -14.02
C SER C 91 25.66 0.58 -13.25
N ALA C 92 25.71 1.79 -13.80
CA ALA C 92 26.46 2.88 -13.19
C ALA C 92 26.03 4.20 -13.81
N VAL C 93 26.67 5.27 -13.39
CA VAL C 93 26.42 6.57 -14.01
C VAL C 93 27.53 6.82 -15.02
N TYR C 94 27.14 7.29 -16.20
CA TYR C 94 28.10 7.52 -17.27
C TYR C 94 28.15 8.98 -17.67
N PHE C 95 29.25 9.64 -17.32
CA PHE C 95 29.44 11.03 -17.64
C PHE C 95 30.11 11.17 -18.99
N CYS C 96 29.73 12.21 -19.73
CA CYS C 96 30.53 12.66 -20.83
C CYS C 96 31.07 14.03 -20.46
N ALA C 97 32.35 14.25 -20.71
CA ALA C 97 32.98 15.50 -20.33
C ALA C 97 33.81 16.07 -21.47
N THR C 98 33.83 17.40 -21.57
CA THR C 98 34.69 18.06 -22.53
C THR C 98 36.12 17.97 -22.03
N ALA C 99 36.74 16.82 -22.26
CA ALA C 99 38.12 16.58 -21.85
C ALA C 99 38.36 16.98 -20.40
N PHE C 100 37.53 16.47 -19.49
CA PHE C 100 37.68 16.71 -18.06
C PHE C 100 37.53 18.17 -17.62
N ASP C 101 37.33 19.07 -18.57
CA ASP C 101 37.06 20.47 -18.25
C ASP C 101 35.65 20.66 -17.70
N TYR C 102 34.67 20.11 -18.40
CA TYR C 102 33.27 20.20 -17.99
C TYR C 102 32.62 18.83 -18.09
N TRP C 103 31.70 18.53 -17.18
CA TRP C 103 31.05 17.23 -17.17
C TRP C 103 29.53 17.37 -17.21
N GLY C 104 28.89 16.55 -18.03
CA GLY C 104 27.44 16.51 -18.06
C GLY C 104 26.92 15.96 -16.75
N GLN C 105 25.61 16.07 -16.54
CA GLN C 105 24.99 15.52 -15.33
C GLN C 105 25.14 14.01 -15.31
N GLY C 106 25.46 13.44 -16.45
CA GLY C 106 25.65 12.01 -16.56
C GLY C 106 24.37 11.26 -16.86
N THR C 107 24.51 9.99 -17.23
CA THR C 107 23.35 9.15 -17.53
C THR C 107 23.40 7.88 -16.70
N THR C 108 22.47 7.76 -15.75
CA THR C 108 22.38 6.55 -14.95
C THR C 108 21.88 5.42 -15.82
N LEU C 109 22.68 4.34 -15.91
CA LEU C 109 22.26 3.17 -16.65
C LEU C 109 21.93 2.04 -15.68
N THR C 110 20.74 1.47 -15.83
CA THR C 110 20.32 0.38 -14.97
C THR C 110 20.02 -0.86 -15.80
N VAL C 111 20.97 -1.79 -15.80
CA VAL C 111 20.80 -3.05 -16.50
C VAL C 111 20.22 -4.09 -15.56
N SER C 112 19.10 -4.69 -15.95
CA SER C 112 18.43 -5.66 -15.10
C SER C 112 17.34 -6.40 -15.85
N SER C 113 16.97 -7.56 -15.32
CA SER C 113 15.92 -8.38 -15.93
C SER C 113 14.63 -8.23 -15.15
N ALA C 114 14.63 -7.35 -14.15
CA ALA C 114 13.45 -7.14 -13.32
C ALA C 114 12.37 -6.34 -14.04
N ALA C 115 11.12 -6.65 -13.72
CA ALA C 115 9.99 -5.88 -14.23
C ALA C 115 9.48 -4.95 -13.13
N THR C 116 8.75 -3.92 -13.51
CA THR C 116 8.23 -2.95 -12.54
C THR C 116 7.50 -3.65 -11.41
N THR C 117 8.01 -3.50 -10.19
CA THR C 117 7.45 -4.17 -9.02
C THR C 117 7.20 -3.17 -7.90
N PRO C 118 5.94 -3.04 -7.49
CA PRO C 118 5.56 -2.15 -6.38
C PRO C 118 6.06 -2.67 -5.05
N PRO C 119 6.50 -1.77 -4.17
CA PRO C 119 7.11 -2.11 -2.88
C PRO C 119 6.07 -2.54 -1.87
N SER C 120 6.49 -3.32 -0.88
CA SER C 120 5.63 -3.65 0.24
C SER C 120 6.09 -2.80 1.42
N VAL C 121 5.17 -2.02 1.97
CA VAL C 121 5.50 -1.17 3.10
C VAL C 121 5.08 -1.79 4.42
N TYR C 122 6.05 -1.98 5.30
CA TYR C 122 5.76 -2.54 6.63
C TYR C 122 6.16 -1.52 7.69
N PRO C 123 5.35 -1.40 8.74
CA PRO C 123 5.63 -0.48 9.85
C PRO C 123 6.59 -1.10 10.87
N LEU C 124 7.48 -0.28 11.41
CA LEU C 124 8.39 -0.74 12.44
C LEU C 124 8.02 -0.10 13.78
N ALA C 125 7.14 -0.77 14.52
CA ALA C 125 6.69 -0.28 15.81
C ALA C 125 7.62 -0.74 16.93
N PRO C 126 7.68 0.03 18.03
CA PRO C 126 8.54 -0.31 19.18
C PRO C 126 8.11 -1.63 19.82
N SER C 134 13.20 11.32 27.41
CA SER C 134 13.11 10.02 26.74
C SER C 134 12.48 10.17 25.36
N MET C 135 13.12 9.59 24.35
CA MET C 135 12.62 9.66 22.99
C MET C 135 12.08 8.31 22.52
N VAL C 136 11.45 8.30 21.35
CA VAL C 136 10.98 7.04 20.77
C VAL C 136 11.33 6.97 19.29
N THR C 137 11.76 5.79 18.85
CA THR C 137 12.17 5.60 17.47
C THR C 137 11.21 4.67 16.74
N LEU C 138 10.65 5.17 15.65
CA LEU C 138 9.79 4.37 14.80
C LEU C 138 10.44 4.27 13.42
N GLY C 139 9.79 3.57 12.50
CA GLY C 139 10.31 3.44 11.16
C GLY C 139 9.42 2.56 10.32
N CYS C 140 9.84 2.32 9.07
CA CYS C 140 9.11 1.39 8.20
C CYS C 140 9.98 0.83 7.08
N LEU C 141 9.74 -0.43 6.75
CA LEU C 141 10.50 -1.11 5.70
C LEU C 141 9.79 -1.04 4.37
N VAL C 142 10.54 -0.69 3.33
CA VAL C 142 10.01 -0.66 1.98
C VAL C 142 10.72 -1.73 1.14
N LYS C 143 10.12 -2.91 1.08
CA LYS C 143 10.79 -4.09 0.54
C LYS C 143 10.27 -4.55 -0.81
N GLY C 144 11.19 -4.98 -1.67
CA GLY C 144 10.84 -5.63 -2.93
C GLY C 144 10.25 -4.76 -4.02
N TYR C 145 10.86 -3.60 -4.27
CA TYR C 145 10.38 -2.73 -5.33
C TYR C 145 11.40 -2.55 -6.44
N PHE C 146 10.90 -2.21 -7.62
CA PHE C 146 11.76 -1.93 -8.76
C PHE C 146 10.96 -1.17 -9.82
N PRO C 147 11.59 -0.15 -10.42
CA PRO C 147 12.97 0.23 -10.09
C PRO C 147 13.01 1.40 -9.12
N GLU C 148 14.23 1.88 -8.84
CA GLU C 148 14.40 3.11 -8.09
C GLU C 148 13.72 4.26 -8.83
N PRO C 149 13.43 5.36 -8.12
CA PRO C 149 13.65 5.50 -6.68
C PRO C 149 12.36 5.37 -5.90
N VAL C 150 12.44 5.63 -4.59
CA VAL C 150 11.27 5.58 -3.73
C VAL C 150 11.27 6.82 -2.83
N THR C 151 10.09 7.24 -2.40
CA THR C 151 9.96 8.43 -1.56
C THR C 151 9.42 8.08 -0.19
N VAL C 152 10.04 8.64 0.84
CA VAL C 152 9.60 8.40 2.21
C VAL C 152 9.58 9.69 3.03
N THR C 153 8.38 10.07 3.48
CA THR C 153 8.22 11.21 4.36
C THR C 153 7.51 10.78 5.64
N TRP C 154 7.54 11.64 6.65
CA TRP C 154 6.82 11.37 7.89
C TRP C 154 5.81 12.48 8.18
N ASN C 155 4.56 12.08 8.39
CA ASN C 155 3.48 13.05 8.57
C ASN C 155 3.39 13.98 7.37
N SER C 156 3.56 13.41 6.19
CA SER C 156 3.51 14.15 4.94
C SER C 156 4.63 15.16 4.79
N GLY C 157 5.63 15.06 5.67
CA GLY C 157 6.76 15.97 5.64
C GLY C 157 6.83 16.85 6.87
N SER C 158 5.75 16.87 7.64
CA SER C 158 5.70 17.64 8.88
C SER C 158 6.87 17.28 9.79
N LEU C 159 7.13 15.99 9.94
CA LEU C 159 8.30 15.53 10.68
C LEU C 159 9.51 15.52 9.77
N SER C 160 10.44 16.42 10.01
CA SER C 160 11.65 16.53 9.20
C SER C 160 12.89 16.40 10.06
N SER C 161 12.79 16.91 11.29
CA SER C 161 13.92 16.87 12.22
C SER C 161 13.91 15.57 13.02
N GLY C 162 14.86 14.69 12.73
CA GLY C 162 14.97 13.43 13.42
C GLY C 162 14.79 12.25 12.49
N VAL C 163 14.36 12.54 11.27
CA VAL C 163 14.15 11.51 10.26
C VAL C 163 15.48 10.99 9.74
N HIS C 164 15.48 9.76 9.25
CA HIS C 164 16.66 9.14 8.67
C HIS C 164 16.26 8.12 7.61
N THR C 165 16.45 8.47 6.35
CA THR C 165 16.12 7.57 5.25
C THR C 165 17.40 6.96 4.66
N PHE C 166 17.46 5.64 4.67
CA PHE C 166 18.66 4.92 4.27
C PHE C 166 18.62 4.50 2.80
N PRO C 167 19.80 4.48 2.16
CA PRO C 167 19.92 4.07 0.75
C PRO C 167 19.34 2.68 0.53
N ALA C 168 18.72 2.47 -0.64
CA ALA C 168 18.18 1.17 -0.96
C ALA C 168 19.28 0.18 -1.26
N VAL C 169 19.06 -1.09 -0.90
CA VAL C 169 19.97 -2.15 -1.26
C VAL C 169 19.35 -2.98 -2.37
N LEU C 170 20.15 -3.81 -3.03
CA LEU C 170 19.64 -4.64 -4.11
C LEU C 170 19.67 -6.11 -3.70
N GLN C 171 18.48 -6.70 -3.65
CA GLN C 171 18.33 -8.08 -3.21
C GLN C 171 17.48 -8.88 -4.18
N SER C 172 18.15 -9.63 -5.05
CA SER C 172 17.47 -10.44 -6.06
C SER C 172 16.61 -9.59 -7.00
N ASP C 173 17.27 -8.65 -7.70
CA ASP C 173 16.61 -7.78 -8.68
C ASP C 173 15.79 -6.68 -8.03
N LEU C 174 15.21 -6.96 -6.87
CA LEU C 174 14.30 -6.03 -6.23
C LEU C 174 14.99 -5.17 -5.16
N TYR C 175 14.81 -3.86 -5.27
CA TYR C 175 15.37 -2.92 -4.31
C TYR C 175 14.60 -2.93 -2.98
N THR C 176 15.31 -2.63 -1.89
CA THR C 176 14.71 -2.64 -0.57
C THR C 176 15.40 -1.62 0.34
N LEU C 177 14.64 -0.67 0.87
CA LEU C 177 15.18 0.29 1.82
C LEU C 177 14.28 0.45 3.04
N SER C 178 14.82 1.06 4.09
CA SER C 178 14.05 1.36 5.28
C SER C 178 14.14 2.84 5.59
N SER C 179 13.52 3.27 6.68
CA SER C 179 13.60 4.66 7.12
C SER C 179 13.17 4.76 8.58
N SER C 180 13.85 5.60 9.34
CA SER C 180 13.59 5.74 10.76
C SER C 180 13.24 7.18 11.12
N VAL C 181 12.42 7.33 12.16
CA VAL C 181 12.11 8.65 12.69
C VAL C 181 12.09 8.58 14.21
N THR C 182 12.64 9.60 14.85
CA THR C 182 12.69 9.64 16.29
C THR C 182 11.95 10.88 16.81
N VAL C 183 10.92 10.64 17.60
CA VAL C 183 10.06 11.70 18.12
C VAL C 183 9.97 11.57 19.64
N PRO C 184 9.67 12.67 20.35
CA PRO C 184 9.40 12.60 21.79
C PRO C 184 8.43 11.47 22.13
N SER C 185 8.83 10.61 23.06
CA SER C 185 7.99 9.48 23.47
C SER C 185 6.69 9.96 24.10
N SER C 186 6.63 11.24 24.45
CA SER C 186 5.42 11.82 25.01
C SER C 186 4.38 11.98 23.93
N THR C 187 4.84 12.40 22.74
CA THR C 187 3.95 12.64 21.62
C THR C 187 3.67 11.39 20.81
N TRP C 188 3.74 10.24 21.46
CA TRP C 188 3.45 8.98 20.78
C TRP C 188 3.33 7.80 21.76
N PRO C 189 2.33 6.93 21.54
CA PRO C 189 1.38 7.01 20.42
C PRO C 189 0.33 8.09 20.64
N SER C 190 0.54 8.91 21.66
CA SER C 190 -0.35 10.03 21.95
C SER C 190 -0.75 10.75 20.67
N GLU C 191 0.25 11.18 19.90
CA GLU C 191 0.00 11.84 18.63
C GLU C 191 0.29 10.90 17.47
N THR C 192 -0.43 11.08 16.37
CA THR C 192 -0.25 10.24 15.20
C THR C 192 1.11 10.40 14.54
N VAL C 193 1.73 9.28 14.20
CA VAL C 193 2.95 9.28 13.40
C VAL C 193 2.78 8.26 12.28
N THR C 194 2.91 8.73 11.05
CA THR C 194 2.72 7.88 9.88
C THR C 194 3.76 8.16 8.81
N CYS C 195 4.34 7.10 8.24
CA CYS C 195 5.29 7.27 7.15
C CYS C 195 4.57 7.17 5.81
N ASN C 196 4.97 8.03 4.87
CA ASN C 196 4.35 8.06 3.56
C ASN C 196 5.33 7.55 2.53
N VAL C 197 4.93 6.54 1.78
CA VAL C 197 5.79 5.92 0.80
C VAL C 197 5.24 6.13 -0.60
N ALA C 198 6.14 6.43 -1.54
CA ALA C 198 5.74 6.62 -2.94
C ALA C 198 6.72 5.95 -3.89
N HIS C 199 6.18 5.21 -4.84
CA HIS C 199 6.98 4.58 -5.89
C HIS C 199 6.36 4.89 -7.24
N PRO C 200 6.74 6.04 -7.82
CA PRO C 200 6.10 6.58 -9.03
C PRO C 200 6.16 5.63 -10.24
N ALA C 201 7.14 4.74 -10.26
CA ALA C 201 7.28 3.79 -11.36
C ALA C 201 6.04 2.92 -11.52
N SER C 202 5.65 2.26 -10.43
CA SER C 202 4.46 1.41 -10.43
C SER C 202 3.20 2.23 -10.15
N SER C 203 3.36 3.55 -10.04
CA SER C 203 2.25 4.44 -9.76
C SER C 203 1.56 4.05 -8.45
N THR C 204 2.35 3.72 -7.45
CA THR C 204 1.84 3.27 -6.16
C THR C 204 2.15 4.28 -5.05
N LYS C 205 1.29 4.32 -4.06
CA LYS C 205 1.49 5.19 -2.90
C LYS C 205 0.90 4.52 -1.66
N VAL C 206 1.61 4.61 -0.55
CA VAL C 206 1.16 3.95 0.67
C VAL C 206 1.45 4.78 1.91
N ASP C 207 0.42 5.02 2.71
CA ASP C 207 0.58 5.64 4.01
C ASP C 207 0.40 4.55 5.07
N LYS C 208 1.21 4.60 6.11
CA LYS C 208 1.17 3.56 7.13
C LYS C 208 1.35 4.17 8.51
N LYS C 209 0.25 4.31 9.24
CA LYS C 209 0.32 4.87 10.59
C LYS C 209 1.04 3.90 11.52
N ILE C 210 1.95 4.44 12.32
CA ILE C 210 2.71 3.63 13.25
C ILE C 210 1.98 3.49 14.57
N VAL C 211 1.50 2.27 14.83
CA VAL C 211 0.74 1.99 16.03
C VAL C 211 1.51 1.03 16.93
N PRO C 212 1.40 1.19 18.25
CA PRO C 212 2.02 0.30 19.22
C PRO C 212 1.70 -1.17 18.93
N ARG C 213 2.55 -2.08 19.38
CA ARG C 213 2.34 -3.50 19.17
C ARG C 213 1.10 -3.99 19.90
N ASP D 1 48.30 0.26 -16.04
CA ASP D 1 48.01 1.69 -15.96
C ASP D 1 48.80 2.33 -14.84
N ILE D 2 48.86 3.66 -14.84
CA ILE D 2 49.54 4.40 -13.79
C ILE D 2 48.61 4.64 -12.61
N VAL D 3 49.01 4.15 -11.44
CA VAL D 3 48.17 4.21 -10.25
C VAL D 3 48.30 5.53 -9.50
N LEU D 4 47.18 6.21 -9.31
CA LEU D 4 47.14 7.43 -8.52
C LEU D 4 46.53 7.15 -7.15
N THR D 5 47.37 7.20 -6.13
CA THR D 5 46.93 6.91 -4.78
C THR D 5 46.68 8.19 -3.99
N GLN D 6 45.48 8.29 -3.42
CA GLN D 6 45.01 9.53 -2.83
C GLN D 6 44.66 9.35 -1.35
N SER D 7 45.32 10.11 -0.50
CA SER D 7 45.08 10.00 0.94
C SER D 7 44.87 11.39 1.57
N PRO D 8 44.09 11.45 2.66
CA PRO D 8 43.41 10.32 3.29
C PRO D 8 42.16 9.91 2.50
N ALA D 9 41.67 8.70 2.74
CA ALA D 9 40.42 8.26 2.13
C ALA D 9 39.28 9.10 2.70
N SER D 10 39.50 9.65 3.89
CA SER D 10 38.53 10.51 4.56
C SER D 10 39.24 11.50 5.48
N LEU D 11 38.85 12.77 5.37
CA LEU D 11 39.52 13.83 6.11
C LEU D 11 38.55 14.63 6.96
N ALA D 12 38.51 14.31 8.25
CA ALA D 12 37.66 15.05 9.18
C ALA D 12 38.27 16.42 9.46
N VAL D 13 37.47 17.46 9.27
CA VAL D 13 37.93 18.83 9.48
C VAL D 13 36.83 19.68 10.11
N SER D 14 37.22 20.83 10.66
CA SER D 14 36.25 21.73 11.26
C SER D 14 36.13 22.99 10.40
N LEU D 15 34.91 23.47 10.22
CA LEU D 15 34.69 24.68 9.45
C LEU D 15 35.65 25.77 9.91
N GLY D 16 36.52 26.21 9.01
CA GLY D 16 37.49 27.24 9.33
C GLY D 16 38.91 26.73 9.24
N GLN D 17 39.10 25.44 9.54
CA GLN D 17 40.42 24.84 9.44
C GLN D 17 40.92 24.89 8.01
N ARG D 18 42.20 24.60 7.82
CA ARG D 18 42.74 24.42 6.48
C ARG D 18 42.68 22.95 6.15
N ALA D 19 42.78 22.60 4.88
CA ALA D 19 42.69 21.21 4.48
C ALA D 19 43.71 20.86 3.41
N THR D 20 44.51 19.84 3.70
CA THR D 20 45.48 19.33 2.74
C THR D 20 45.11 17.93 2.31
N ILE D 21 44.84 17.78 1.02
CA ILE D 21 44.60 16.46 0.44
C ILE D 21 45.82 16.08 -0.38
N SER D 22 46.12 14.79 -0.46
CA SER D 22 47.32 14.34 -1.14
C SER D 22 47.02 13.38 -2.29
N CYS D 23 47.83 13.47 -3.34
CA CYS D 23 47.72 12.57 -4.48
C CYS D 23 49.13 12.18 -4.93
N ARG D 24 49.39 10.88 -5.01
CA ARG D 24 50.71 10.41 -5.41
C ARG D 24 50.67 9.52 -6.65
N ALA D 25 51.51 9.85 -7.62
CA ALA D 25 51.54 9.15 -8.91
C ALA D 25 52.41 7.89 -8.86
N SER D 26 52.13 6.96 -9.76
CA SER D 26 52.93 5.75 -9.90
C SER D 26 54.21 6.06 -10.67
N LYS D 27 54.14 7.06 -11.55
CA LYS D 27 55.31 7.53 -12.30
C LYS D 27 55.19 9.02 -12.51
N SER D 28 56.30 9.67 -12.86
CA SER D 28 56.28 11.12 -13.07
C SER D 28 55.21 11.50 -14.08
N VAL D 29 54.33 12.40 -13.67
CA VAL D 29 53.19 12.77 -14.52
C VAL D 29 53.43 14.06 -15.31
N SER D 30 54.67 14.25 -15.76
CA SER D 30 54.97 15.39 -16.62
C SER D 30 55.09 14.94 -18.07
N THR D 31 54.30 15.56 -18.95
CA THR D 31 54.39 15.33 -20.40
C THR D 31 55.56 16.18 -20.90
N SER D 32 55.83 16.12 -22.20
CA SER D 32 56.78 17.02 -22.80
C SER D 32 56.19 18.44 -22.80
N GLY D 33 56.33 19.12 -21.67
CA GLY D 33 55.76 20.44 -21.46
C GLY D 33 55.26 20.62 -20.04
N TYR D 34 53.96 20.45 -19.84
CA TYR D 34 53.34 20.66 -18.53
C TYR D 34 53.21 19.38 -17.71
N SER D 35 52.56 19.49 -16.55
CA SER D 35 52.25 18.33 -15.72
C SER D 35 50.73 18.22 -15.56
N TYR D 36 50.17 17.15 -16.09
CA TYR D 36 48.72 17.03 -16.15
C TYR D 36 48.11 16.33 -14.94
N MET D 37 48.32 16.93 -13.78
CA MET D 37 47.67 16.52 -12.54
C MET D 37 46.54 17.50 -12.24
N HIS D 38 45.33 16.98 -12.04
CA HIS D 38 44.16 17.82 -11.88
C HIS D 38 43.35 17.43 -10.65
N TRP D 39 42.74 18.43 -10.02
CA TRP D 39 41.88 18.20 -8.86
C TRP D 39 40.42 18.50 -9.20
N ASN D 40 39.54 17.57 -8.88
CA ASN D 40 38.11 17.75 -9.12
C ASN D 40 37.34 17.73 -7.80
N GLN D 41 36.16 18.35 -7.80
CA GLN D 41 35.35 18.47 -6.60
C GLN D 41 33.96 17.96 -6.90
N GLN D 42 33.55 16.88 -6.22
CA GLN D 42 32.23 16.32 -6.48
C GLN D 42 31.36 16.22 -5.22
N LYS D 43 30.13 16.70 -5.35
CA LYS D 43 29.18 16.68 -4.25
C LYS D 43 28.13 15.59 -4.49
N PRO D 44 27.41 15.19 -3.44
CA PRO D 44 26.41 14.13 -3.55
C PRO D 44 25.37 14.41 -4.64
N GLY D 45 25.22 13.48 -5.57
CA GLY D 45 24.20 13.58 -6.60
C GLY D 45 24.59 14.42 -7.80
N GLN D 46 25.65 15.20 -7.67
CA GLN D 46 26.11 16.05 -8.75
C GLN D 46 27.31 15.43 -9.48
N PRO D 47 27.63 15.95 -10.68
CA PRO D 47 28.85 15.56 -11.38
C PRO D 47 30.06 16.24 -10.74
N PRO D 48 31.27 15.77 -11.04
CA PRO D 48 32.44 16.47 -10.51
C PRO D 48 32.63 17.81 -11.22
N ARG D 49 33.28 18.75 -10.54
CA ARG D 49 33.61 20.03 -11.14
C ARG D 49 35.12 20.27 -11.04
N LEU D 50 35.70 20.86 -12.07
CA LEU D 50 37.12 21.16 -12.09
C LEU D 50 37.47 22.32 -11.16
N LEU D 51 38.51 22.13 -10.34
CA LEU D 51 39.00 23.19 -9.46
C LEU D 51 40.39 23.61 -9.90
N ILE D 52 41.25 22.61 -10.12
CA ILE D 52 42.64 22.86 -10.45
C ILE D 52 43.09 21.98 -11.60
N TYR D 53 43.74 22.58 -12.58
CA TYR D 53 44.31 21.83 -13.68
C TYR D 53 45.80 22.12 -13.82
N LEU D 54 46.53 21.19 -14.42
CA LEU D 54 47.97 21.36 -14.60
C LEU D 54 48.63 21.72 -13.28
N VAL D 55 48.23 21.02 -12.23
CA VAL D 55 48.85 21.08 -10.92
C VAL D 55 48.43 22.28 -10.05
N SER D 56 48.47 23.48 -10.60
CA SER D 56 48.31 24.67 -9.79
C SER D 56 47.31 25.69 -10.34
N ASN D 57 46.79 25.43 -11.52
CA ASN D 57 45.93 26.41 -12.19
C ASN D 57 44.48 26.39 -11.75
N LEU D 58 44.03 27.50 -11.19
CA LEU D 58 42.65 27.67 -10.76
C LEU D 58 41.73 27.73 -11.99
N GLU D 59 40.81 26.77 -12.08
CA GLU D 59 39.77 26.82 -13.11
C GLU D 59 38.93 28.08 -12.93
N SER D 60 38.34 28.57 -14.01
CA SER D 60 37.50 29.77 -13.94
C SER D 60 36.35 29.58 -12.95
N GLY D 61 36.21 30.52 -12.02
CA GLY D 61 35.11 30.49 -11.08
C GLY D 61 35.48 30.08 -9.67
N VAL D 62 36.47 29.21 -9.53
CA VAL D 62 36.88 28.75 -8.21
C VAL D 62 37.72 29.79 -7.48
N PRO D 63 37.46 29.97 -6.18
CA PRO D 63 38.04 31.01 -5.32
C PRO D 63 39.50 30.78 -4.96
N ALA D 64 40.18 31.85 -4.58
CA ALA D 64 41.60 31.78 -4.21
C ALA D 64 41.80 30.86 -3.02
N ARG D 65 40.70 30.49 -2.38
CA ARG D 65 40.70 29.59 -1.24
C ARG D 65 41.40 28.28 -1.59
N PHE D 66 41.23 27.83 -2.84
CA PHE D 66 41.83 26.59 -3.29
C PHE D 66 43.21 26.80 -3.90
N SER D 67 44.13 25.89 -3.59
CA SER D 67 45.51 26.01 -4.04
C SER D 67 46.05 24.63 -4.41
N GLY D 68 46.90 24.60 -5.44
CA GLY D 68 47.49 23.35 -5.87
C GLY D 68 49.00 23.41 -5.89
N SER D 69 49.65 22.35 -5.44
CA SER D 69 51.11 22.31 -5.44
C SER D 69 51.61 20.91 -5.75
N GLY D 70 52.93 20.76 -5.79
CA GLY D 70 53.53 19.45 -6.02
C GLY D 70 54.29 19.38 -7.31
N SER D 71 54.97 18.26 -7.52
CA SER D 71 55.78 18.07 -8.71
C SER D 71 56.16 16.60 -8.85
N GLY D 72 56.32 16.17 -10.10
CA GLY D 72 56.74 14.81 -10.38
C GLY D 72 55.67 13.78 -10.06
N THR D 73 55.67 13.31 -8.82
CA THR D 73 54.77 12.23 -8.42
C THR D 73 54.04 12.57 -7.13
N ASP D 74 54.32 13.73 -6.57
CA ASP D 74 53.74 14.13 -5.30
C ASP D 74 53.01 15.46 -5.42
N PHE D 75 51.69 15.44 -5.21
CA PHE D 75 50.86 16.64 -5.36
C PHE D 75 49.95 16.84 -4.17
N THR D 76 49.57 18.10 -3.95
CA THR D 76 48.80 18.46 -2.77
C THR D 76 47.74 19.49 -3.09
N LEU D 77 46.49 19.18 -2.73
CA LEU D 77 45.42 20.15 -2.82
C LEU D 77 45.29 20.85 -1.47
N ASN D 78 45.19 22.18 -1.51
CA ASN D 78 45.20 22.98 -0.30
C ASN D 78 43.99 23.90 -0.21
N ILE D 79 43.11 23.63 0.75
CA ILE D 79 41.93 24.45 0.96
C ILE D 79 42.04 25.28 2.23
N ALA D 80 42.22 26.59 2.07
CA ALA D 80 42.41 27.47 3.21
C ALA D 80 41.55 28.73 3.10
N PRO D 81 40.51 28.83 3.94
CA PRO D 81 40.04 27.82 4.89
C PRO D 81 38.78 27.14 4.38
N VAL D 82 38.31 26.12 5.09
CA VAL D 82 37.20 25.29 4.61
C VAL D 82 35.82 25.90 4.88
N GLU D 83 34.95 25.82 3.87
CA GLU D 83 33.58 26.33 3.98
C GLU D 83 32.55 25.22 3.82
N GLU D 84 31.29 25.56 4.08
CA GLU D 84 30.19 24.62 3.92
C GLU D 84 30.17 23.98 2.53
N GLU D 85 30.24 24.83 1.50
CA GLU D 85 30.13 24.37 0.12
C GLU D 85 31.36 23.60 -0.33
N ASP D 86 32.35 23.50 0.56
CA ASP D 86 33.57 22.76 0.27
C ASP D 86 33.43 21.31 0.71
N ALA D 87 32.53 21.08 1.66
CA ALA D 87 32.31 19.75 2.20
C ALA D 87 31.80 18.79 1.13
N ALA D 88 32.62 17.80 0.78
CA ALA D 88 32.27 16.81 -0.24
C ALA D 88 33.41 15.83 -0.51
N THR D 89 33.45 15.26 -1.71
CA THR D 89 34.49 14.30 -2.07
C THR D 89 35.41 14.79 -3.19
N TYR D 90 36.72 14.79 -2.93
CA TYR D 90 37.71 15.33 -3.84
C TYR D 90 38.45 14.24 -4.60
N TYR D 91 38.62 14.44 -5.90
CA TYR D 91 39.36 13.51 -6.74
C TYR D 91 40.55 14.19 -7.40
N CYS D 92 41.65 13.45 -7.51
CA CYS D 92 42.75 13.88 -8.36
C CYS D 92 42.73 13.01 -9.61
N GLN D 93 43.54 13.37 -10.60
CA GLN D 93 43.49 12.71 -11.89
C GLN D 93 44.69 13.10 -12.73
N HIS D 94 45.23 12.13 -13.47
CA HIS D 94 46.39 12.38 -14.30
C HIS D 94 45.99 12.31 -15.77
N ILE D 95 46.66 13.11 -16.60
CA ILE D 95 46.43 13.11 -18.04
C ILE D 95 47.75 13.12 -18.82
N ALA D 96 48.87 13.10 -18.11
CA ALA D 96 50.17 13.02 -18.75
C ALA D 96 50.28 11.68 -19.48
N GLU D 97 50.27 10.60 -18.71
CA GLU D 97 50.28 9.25 -19.28
C GLU D 97 48.91 8.86 -19.79
N LEU D 98 48.83 7.68 -20.39
CA LEU D 98 47.59 7.16 -20.93
C LEU D 98 47.68 5.65 -20.96
N THR D 99 46.61 4.95 -20.58
CA THR D 99 45.31 5.53 -20.25
C THR D 99 45.30 6.55 -19.10
N ARG D 100 44.27 7.40 -19.10
CA ARG D 100 44.11 8.42 -18.08
C ARG D 100 43.33 7.88 -16.88
N THR D 101 43.85 8.11 -15.68
CA THR D 101 43.28 7.49 -14.49
C THR D 101 42.97 8.49 -13.35
N PHE D 102 42.12 8.06 -12.43
CA PHE D 102 41.71 8.90 -11.31
C PHE D 102 42.17 8.31 -9.97
N GLY D 103 42.20 9.16 -8.95
CA GLY D 103 42.49 8.70 -7.61
C GLY D 103 41.24 8.18 -6.94
N GLY D 104 41.41 7.42 -5.86
CA GLY D 104 40.30 6.80 -5.17
C GLY D 104 39.34 7.81 -4.57
N GLY D 105 39.79 9.04 -4.42
CA GLY D 105 38.98 10.10 -3.88
C GLY D 105 39.20 10.32 -2.40
N THR D 106 38.85 11.51 -1.92
CA THR D 106 38.96 11.85 -0.52
C THR D 106 37.65 12.46 -0.04
N LYS D 107 37.14 11.98 1.09
CA LYS D 107 35.90 12.49 1.64
C LYS D 107 36.19 13.57 2.67
N LEU D 108 35.85 14.81 2.34
CA LEU D 108 36.01 15.93 3.26
C LEU D 108 34.78 16.05 4.15
N GLU D 109 34.96 15.84 5.45
CA GLU D 109 33.84 15.79 6.38
C GLU D 109 34.05 16.65 7.61
N ILE D 110 32.96 16.97 8.30
CA ILE D 110 33.01 17.82 9.49
C ILE D 110 33.46 17.06 10.74
N LYS D 111 34.31 17.71 11.53
CA LYS D 111 34.78 17.13 12.78
C LYS D 111 33.82 17.49 13.90
N ARG D 112 33.58 16.55 14.80
CA ARG D 112 32.70 16.78 15.94
C ARG D 112 33.02 15.82 17.06
N ALA D 113 32.51 16.10 18.25
CA ALA D 113 32.69 15.21 19.39
C ALA D 113 32.16 13.82 19.07
N ASP D 114 32.78 12.80 19.65
CA ASP D 114 32.35 11.43 19.44
C ASP D 114 30.92 11.22 19.96
N ALA D 115 30.19 10.31 19.34
CA ALA D 115 28.80 10.08 19.71
C ALA D 115 28.49 8.58 19.77
N ALA D 116 27.59 8.22 20.67
CA ALA D 116 27.20 6.82 20.82
C ALA D 116 25.98 6.50 19.98
N PRO D 117 26.04 5.38 19.24
CA PRO D 117 24.93 4.95 18.39
C PRO D 117 23.67 4.61 19.18
N THR D 118 22.51 4.96 18.64
CA THR D 118 21.24 4.59 19.27
C THR D 118 20.65 3.38 18.54
N VAL D 119 20.91 2.19 19.10
CA VAL D 119 20.50 0.94 18.48
C VAL D 119 19.02 0.64 18.73
N SER D 120 18.32 0.27 17.68
CA SER D 120 16.90 -0.05 17.78
C SER D 120 16.53 -1.22 16.87
N ILE D 121 15.95 -2.26 17.45
CA ILE D 121 15.62 -3.47 16.73
C ILE D 121 14.11 -3.61 16.56
N PHE D 122 13.71 -4.26 15.46
CA PHE D 122 12.30 -4.41 15.16
C PHE D 122 12.00 -5.78 14.55
N PRO D 123 11.07 -6.51 15.15
CA PRO D 123 10.64 -7.83 14.67
C PRO D 123 9.88 -7.70 13.36
N PRO D 124 9.86 -8.77 12.55
CA PRO D 124 9.08 -8.76 11.31
C PRO D 124 7.69 -8.20 11.56
N SER D 125 7.28 -7.24 10.74
CA SER D 125 5.95 -6.64 10.91
C SER D 125 4.88 -7.71 10.76
N SER D 126 3.78 -7.53 11.47
CA SER D 126 2.66 -8.44 11.39
C SER D 126 2.26 -8.63 9.94
N GLU D 127 2.17 -7.52 9.21
CA GLU D 127 1.73 -7.51 7.83
C GLU D 127 2.63 -8.33 6.90
N GLN D 128 3.92 -8.37 7.22
CA GLN D 128 4.88 -9.07 6.38
C GLN D 128 4.86 -10.58 6.61
N LEU D 129 4.62 -10.96 7.86
CA LEU D 129 4.56 -12.37 8.23
C LEU D 129 3.43 -13.07 7.48
N THR D 130 2.27 -12.43 7.45
CA THR D 130 1.11 -12.98 6.75
C THR D 130 1.29 -12.90 5.24
N SER D 131 2.39 -12.27 4.80
CA SER D 131 2.70 -12.16 3.40
C SER D 131 3.53 -13.35 2.92
N GLY D 132 4.51 -13.74 3.74
CA GLY D 132 5.37 -14.87 3.40
C GLY D 132 6.81 -14.69 3.86
N GLY D 133 7.25 -13.44 3.93
CA GLY D 133 8.61 -13.16 4.35
C GLY D 133 8.70 -12.65 5.77
N ALA D 134 9.92 -12.42 6.25
CA ALA D 134 10.14 -11.91 7.59
C ALA D 134 11.45 -11.13 7.66
N SER D 135 11.35 -9.84 7.96
CA SER D 135 12.53 -9.00 8.06
C SER D 135 12.70 -8.41 9.46
N VAL D 136 13.91 -8.53 10.01
CA VAL D 136 14.23 -7.94 11.30
C VAL D 136 15.15 -6.75 11.09
N VAL D 137 14.72 -5.58 11.54
CA VAL D 137 15.46 -4.35 11.28
C VAL D 137 16.20 -3.82 12.51
N CYS D 138 17.49 -3.56 12.34
CA CYS D 138 18.33 -3.00 13.40
C CYS D 138 18.81 -1.62 12.98
N PHE D 139 18.40 -0.60 13.73
CA PHE D 139 18.78 0.78 13.42
C PHE D 139 19.92 1.27 14.32
N LEU D 140 20.99 1.74 13.67
CA LEU D 140 22.12 2.33 14.38
C LEU D 140 22.21 3.81 14.02
N ASN D 141 21.66 4.66 14.89
CA ASN D 141 21.50 6.08 14.57
C ASN D 141 22.42 7.03 15.33
N ASN D 142 22.82 8.10 14.65
CA ASN D 142 23.49 9.25 15.25
C ASN D 142 24.76 8.95 16.05
N PHE D 143 25.74 8.34 15.39
CA PHE D 143 27.01 8.02 16.02
C PHE D 143 28.19 8.68 15.31
N TYR D 144 29.31 8.80 16.01
CA TYR D 144 30.52 9.38 15.44
C TYR D 144 31.74 8.82 16.16
N PRO D 145 32.78 8.45 15.39
CA PRO D 145 32.86 8.56 13.93
C PRO D 145 32.07 7.48 13.19
N LYS D 146 32.14 7.51 11.86
CA LYS D 146 31.31 6.68 11.00
C LYS D 146 31.62 5.18 11.05
N ASP D 147 32.88 4.85 11.29
CA ASP D 147 33.29 3.44 11.36
C ASP D 147 32.50 2.69 12.43
N ILE D 148 31.98 1.52 12.06
CA ILE D 148 31.17 0.72 12.98
C ILE D 148 30.98 -0.70 12.45
N ASN D 149 30.71 -1.63 13.36
CA ASN D 149 30.49 -3.03 12.98
C ASN D 149 29.13 -3.54 13.44
N VAL D 150 28.54 -4.43 12.65
CA VAL D 150 27.23 -5.00 12.96
C VAL D 150 27.33 -6.52 13.08
N LYS D 151 26.64 -7.09 14.07
CA LYS D 151 26.71 -8.52 14.33
C LYS D 151 25.35 -9.08 14.72
N TRP D 152 24.75 -9.85 13.82
CA TRP D 152 23.47 -10.49 14.11
C TRP D 152 23.67 -11.85 14.79
N LYS D 153 22.93 -12.08 15.85
CA LYS D 153 22.86 -13.39 16.48
C LYS D 153 21.44 -13.94 16.39
N ILE D 154 21.33 -15.24 16.18
CA ILE D 154 20.02 -15.91 16.23
C ILE D 154 20.10 -17.07 17.20
N ASP D 155 19.25 -17.03 18.23
CA ASP D 155 19.26 -18.03 19.28
C ASP D 155 20.67 -18.25 19.84
N GLY D 156 21.43 -17.16 19.93
CA GLY D 156 22.79 -17.23 20.47
C GLY D 156 23.88 -17.20 19.42
N SER D 157 23.79 -18.10 18.45
CA SER D 157 24.82 -18.22 17.42
C SER D 157 24.73 -17.08 16.40
N GLU D 158 25.86 -16.78 15.77
CA GLU D 158 25.95 -15.66 14.84
C GLU D 158 25.32 -15.97 13.48
N ARG D 159 24.65 -14.98 12.91
CA ARG D 159 24.09 -15.07 11.56
C ARG D 159 24.62 -13.94 10.70
N GLN D 160 25.09 -14.29 9.49
CA GLN D 160 25.63 -13.30 8.58
C GLN D 160 24.99 -13.43 7.20
N ASN D 161 24.43 -14.60 6.91
CA ASN D 161 23.69 -14.80 5.67
C ASN D 161 22.31 -14.17 5.73
N GLY D 162 22.03 -13.27 4.80
CA GLY D 162 20.72 -12.65 4.74
C GLY D 162 20.66 -11.32 5.45
N VAL D 163 21.83 -10.81 5.84
CA VAL D 163 21.91 -9.50 6.47
C VAL D 163 22.35 -8.46 5.47
N LEU D 164 21.47 -7.50 5.19
CA LEU D 164 21.81 -6.40 4.31
C LEU D 164 22.07 -5.14 5.12
N ASN D 165 22.93 -4.26 4.60
CA ASN D 165 23.27 -3.03 5.31
C ASN D 165 23.22 -1.79 4.43
N SER D 166 22.91 -0.67 5.04
CA SER D 166 22.79 0.61 4.34
C SER D 166 23.23 1.74 5.26
N TRP D 167 24.14 2.58 4.78
CA TRP D 167 24.67 3.67 5.60
C TRP D 167 24.25 5.02 5.06
N THR D 168 24.36 6.05 5.90
CA THR D 168 24.03 7.41 5.50
C THR D 168 25.28 8.29 5.52
N ASP D 169 25.29 9.31 4.66
CA ASP D 169 26.37 10.27 4.68
C ASP D 169 26.27 11.11 5.95
N GLN D 170 27.31 11.88 6.23
CA GLN D 170 27.33 12.70 7.44
C GLN D 170 26.10 13.61 7.48
N ASP D 171 25.40 13.60 8.61
CA ASP D 171 24.20 14.42 8.79
C ASP D 171 24.55 15.89 8.70
N SER D 172 23.76 16.65 7.94
CA SER D 172 24.05 18.06 7.71
C SER D 172 23.62 18.94 8.87
N LYS D 173 23.01 18.35 9.89
CA LYS D 173 22.54 19.10 11.05
C LYS D 173 23.48 18.93 12.25
N ASP D 174 23.69 17.69 12.67
CA ASP D 174 24.54 17.43 13.82
C ASP D 174 25.82 16.66 13.47
N SER D 175 26.05 16.49 12.18
CA SER D 175 27.30 15.91 11.68
C SER D 175 27.56 14.48 12.16
N THR D 176 26.50 13.79 12.60
CA THR D 176 26.65 12.40 13.03
C THR D 176 26.40 11.45 11.86
N TYR D 177 26.61 10.16 12.10
CA TYR D 177 26.38 9.14 11.07
C TYR D 177 25.35 8.10 11.55
N SER D 178 24.80 7.35 10.60
CA SER D 178 23.85 6.29 10.93
C SER D 178 23.87 5.18 9.88
N MET D 179 23.36 4.02 10.27
CA MET D 179 23.21 2.90 9.34
C MET D 179 22.05 2.02 9.74
N SER D 180 21.61 1.19 8.79
CA SER D 180 20.54 0.23 9.04
C SER D 180 21.05 -1.17 8.73
N SER D 181 20.49 -2.16 9.39
CA SER D 181 20.81 -3.55 9.09
C SER D 181 19.55 -4.41 9.12
N THR D 182 19.25 -5.03 7.99
CA THR D 182 18.06 -5.86 7.88
C THR D 182 18.43 -7.34 7.75
N LEU D 183 17.93 -8.15 8.67
CA LEU D 183 18.08 -9.59 8.62
C LEU D 183 16.82 -10.19 8.01
N THR D 184 16.95 -10.73 6.81
CA THR D 184 15.79 -11.26 6.10
C THR D 184 15.76 -12.79 6.11
N LEU D 185 14.61 -13.35 6.48
CA LEU D 185 14.40 -14.79 6.46
C LEU D 185 13.02 -15.09 5.91
N THR D 186 12.68 -16.37 5.81
CA THR D 186 11.33 -16.76 5.46
C THR D 186 10.51 -16.87 6.74
N LYS D 187 9.19 -16.70 6.61
CA LYS D 187 8.31 -16.83 7.76
C LYS D 187 8.60 -18.12 8.51
N ASP D 188 8.85 -19.19 7.74
CA ASP D 188 9.05 -20.51 8.31
C ASP D 188 10.31 -20.65 9.15
N GLU D 189 11.45 -20.21 8.62
CA GLU D 189 12.70 -20.32 9.37
C GLU D 189 12.79 -19.26 10.45
N TYR D 190 12.04 -18.17 10.28
CA TYR D 190 12.00 -17.11 11.27
C TYR D 190 11.29 -17.57 12.54
N GLU D 191 10.08 -18.08 12.38
CA GLU D 191 9.31 -18.58 13.52
C GLU D 191 9.82 -19.95 13.95
N ARG D 192 11.06 -20.25 13.58
CA ARG D 192 11.72 -21.48 13.98
C ARG D 192 12.67 -21.19 15.13
N HIS D 193 12.96 -19.92 15.36
CA HIS D 193 13.91 -19.53 16.39
C HIS D 193 13.29 -18.52 17.36
N ASN D 194 14.01 -18.24 18.44
CA ASN D 194 13.50 -17.38 19.50
C ASN D 194 14.27 -16.08 19.66
N SER D 195 15.52 -16.17 20.11
CA SER D 195 16.33 -15.00 20.39
C SER D 195 16.88 -14.32 19.14
N TYR D 196 16.50 -13.07 18.92
CA TYR D 196 17.04 -12.29 17.81
C TYR D 196 17.84 -11.09 18.34
N THR D 197 19.12 -11.06 18.05
CA THR D 197 20.03 -10.06 18.60
C THR D 197 20.83 -9.33 17.51
N CYS D 198 21.15 -8.07 17.77
CA CYS D 198 22.13 -7.36 16.96
C CYS D 198 23.08 -6.57 17.85
N GLU D 199 24.37 -6.76 17.63
CA GLU D 199 25.38 -6.08 18.43
C GLU D 199 26.14 -5.06 17.60
N ALA D 200 25.96 -3.78 17.94
CA ALA D 200 26.70 -2.71 17.29
C ALA D 200 27.94 -2.38 18.12
N THR D 201 29.11 -2.72 17.58
CA THR D 201 30.37 -2.36 18.24
C THR D 201 30.85 -1.02 17.70
N HIS D 202 31.27 -0.13 18.60
CA HIS D 202 31.79 1.16 18.19
C HIS D 202 32.99 1.54 19.05
N LYS D 203 33.80 2.47 18.54
CA LYS D 203 34.95 2.95 19.29
C LYS D 203 34.51 3.59 20.60
N THR D 204 33.32 4.20 20.57
CA THR D 204 32.77 4.86 21.75
C THR D 204 32.80 3.96 22.98
N SER D 205 32.16 2.80 22.87
CA SER D 205 32.09 1.86 23.99
C SER D 205 32.91 0.61 23.74
N THR D 206 33.60 0.14 24.77
CA THR D 206 34.37 -1.11 24.68
C THR D 206 33.43 -2.32 24.74
N SER D 207 32.26 -2.12 25.33
CA SER D 207 31.21 -3.14 25.34
C SER D 207 30.20 -2.87 24.24
N PRO D 208 30.02 -3.85 23.34
CA PRO D 208 29.14 -3.69 22.17
C PRO D 208 27.70 -3.43 22.57
N ILE D 209 27.13 -2.34 22.06
CA ILE D 209 25.73 -2.04 22.32
C ILE D 209 24.88 -3.17 21.76
N VAL D 210 24.10 -3.80 22.62
CA VAL D 210 23.35 -4.99 22.24
C VAL D 210 21.86 -4.80 22.41
N LYS D 211 21.12 -4.94 21.32
CA LYS D 211 19.66 -4.95 21.37
C LYS D 211 19.15 -6.31 20.92
N SER D 212 18.28 -6.90 21.71
CA SER D 212 17.78 -8.24 21.43
C SER D 212 16.31 -8.36 21.78
N PHE D 213 15.66 -9.39 21.26
CA PHE D 213 14.25 -9.65 21.57
C PHE D 213 13.86 -11.10 21.33
N ASN D 214 12.83 -11.54 22.05
CA ASN D 214 12.30 -12.89 21.92
C ASN D 214 10.90 -12.87 21.34
N ARG D 215 10.58 -13.86 20.51
CA ARG D 215 9.24 -13.97 19.93
C ARG D 215 8.26 -14.48 20.98
N ASN D 216 8.82 -14.95 22.09
CA ASN D 216 8.02 -15.46 23.21
C ASN D 216 7.23 -14.35 23.88
N GLU D 217 7.89 -13.24 24.17
CA GLU D 217 7.24 -12.09 24.80
C GLU D 217 6.19 -11.49 23.88
N LYS E 2 -44.29 -7.04 37.10
CA LYS E 2 -45.46 -7.65 36.48
C LYS E 2 -46.44 -6.58 36.01
N LEU E 3 -47.72 -6.83 36.26
CA LEU E 3 -48.80 -5.88 35.96
C LEU E 3 -48.52 -4.98 34.75
N GLY E 4 -47.88 -3.84 34.99
CA GLY E 4 -47.52 -2.93 33.92
C GLY E 4 -46.64 -3.58 32.87
N LEU E 5 -47.25 -3.96 31.76
CA LEU E 5 -46.55 -4.65 30.69
C LEU E 5 -47.08 -4.17 29.33
N ILE E 6 -46.17 -3.69 28.48
CA ILE E 6 -46.58 -3.09 27.21
C ILE E 6 -46.81 -4.16 26.14
N THR E 7 -48.06 -4.28 25.70
CA THR E 7 -48.46 -5.40 24.86
C THR E 7 -48.86 -4.99 23.45
N ASN E 8 -48.07 -4.11 22.83
CA ASN E 8 -48.34 -3.69 21.47
C ASN E 8 -48.08 -4.81 20.46
N THR E 9 -46.91 -5.43 20.56
CA THR E 9 -46.54 -6.49 19.62
C THR E 9 -46.28 -7.83 20.30
N ILE E 10 -46.55 -7.92 21.60
CA ILE E 10 -46.55 -9.20 22.29
C ILE E 10 -47.80 -9.35 23.15
N ALA E 11 -48.11 -10.58 23.54
CA ALA E 11 -49.29 -10.84 24.38
C ALA E 11 -48.89 -10.89 25.84
N GLY E 12 -47.73 -11.46 26.10
CA GLY E 12 -47.20 -11.56 27.46
C GLY E 12 -45.76 -12.00 27.43
N VAL E 13 -45.23 -12.36 28.60
CA VAL E 13 -43.87 -12.89 28.66
C VAL E 13 -43.85 -14.25 28.01
N ALA E 14 -42.67 -14.65 27.54
CA ALA E 14 -42.52 -15.94 26.87
C ALA E 14 -42.37 -17.07 27.88
N GLY E 15 -41.83 -16.74 29.06
CA GLY E 15 -41.70 -17.70 30.15
C GLY E 15 -43.07 -18.13 30.67
N LEU E 16 -43.69 -19.06 29.93
CA LEU E 16 -45.02 -19.56 30.23
C LEU E 16 -46.11 -18.57 29.80
N LYS F 2 41.12 19.64 -36.18
CA LYS F 2 42.46 19.64 -35.60
C LYS F 2 42.76 20.99 -34.98
N LEU F 3 44.00 21.46 -35.20
CA LEU F 3 44.45 22.78 -34.76
C LEU F 3 43.79 23.26 -33.46
N GLY F 4 42.66 23.95 -33.60
CA GLY F 4 41.91 24.42 -32.45
C GLY F 4 41.51 23.30 -31.52
N LEU F 5 42.25 23.16 -30.42
CA LEU F 5 42.02 22.08 -29.46
C LEU F 5 42.26 22.61 -28.06
N ILE F 6 41.27 22.47 -27.18
CA ILE F 6 41.35 23.03 -25.85
C ILE F 6 42.10 22.10 -24.90
N THR F 7 43.25 22.58 -24.43
CA THR F 7 44.18 21.72 -23.70
C THR F 7 44.35 22.11 -22.23
N ASN F 8 43.25 22.39 -21.55
CA ASN F 8 43.31 22.73 -20.13
C ASN F 8 43.65 21.53 -19.27
N THR F 9 42.96 20.42 -19.48
CA THR F 9 43.20 19.22 -18.68
C THR F 9 43.64 18.01 -19.52
N ILE F 10 43.89 18.23 -20.80
CA ILE F 10 44.51 17.20 -21.64
C ILE F 10 45.65 17.81 -22.47
N ALA F 11 46.53 16.96 -22.99
CA ALA F 11 47.64 17.43 -23.79
C ALA F 11 47.30 17.36 -25.27
N GLY F 12 46.56 16.31 -25.64
CA GLY F 12 46.13 16.13 -27.01
C GLY F 12 45.11 15.01 -27.10
N VAL F 13 44.82 14.57 -28.31
CA VAL F 13 43.91 13.45 -28.49
C VAL F 13 44.59 12.18 -27.99
N ALA F 14 43.79 11.20 -27.62
CA ALA F 14 44.31 9.94 -27.11
C ALA F 14 44.74 9.02 -28.24
N GLY F 15 44.07 9.17 -29.39
CA GLY F 15 44.42 8.41 -30.59
C GLY F 15 45.80 8.78 -31.09
N LEU F 16 46.82 8.22 -30.45
CA LEU F 16 48.23 8.50 -30.74
C LEU F 16 48.68 9.83 -30.17
#